data_9DT3
#
_entry.id   9DT3
#
_cell.length_a   65.819
_cell.length_b   71.022
_cell.length_c   90.526
_cell.angle_alpha   90.000
_cell.angle_beta   92.185
_cell.angle_gamma   90.000
#
_symmetry.space_group_name_H-M   'P 1 21 1'
#
loop_
_entity.id
_entity.type
_entity.pdbx_description
1 polymer 'Sulfonylurea repressor EsR (L11-C6)'
2 non-polymer 'methyl 2-[[4-ethoxy-6-(methylamino)-1,3,5-triazin-2-yl]carbamoylsulfamoyl]benzoate'
3 water water
#
_entity_poly.entity_id   1
_entity_poly.type   'polypeptide(L)'
_entity_poly.pdbx_seq_one_letter_code
;MARLDKSKVINSALELLNEVGIEGLTTRKLAQKLGVEQPTLYWHVKNKRALLDAMAIEMLDRHATHYSPLERESWQNFLR
NNAKSMRNALLSHRDGAKVCLGTGFTEQQYETAENSLAFLTQQGFSLENALYAMQAVGIYTLGCVLLDQELQVAKEERET
PTTDSMPPLVRQAVELKDHQGAEPAFLFGLELIIAGLEKQLKCESGS
;
_entity_poly.pdbx_strand_id   A,B,C,D
#
# COMPACT_ATOMS: atom_id res chain seq x y z
N LEU A 4 -8.95 -14.47 -21.17
CA LEU A 4 -7.88 -14.88 -20.23
C LEU A 4 -8.29 -16.12 -19.45
N ASP A 5 -7.45 -17.16 -19.51
CA ASP A 5 -7.66 -18.37 -18.73
C ASP A 5 -6.98 -18.21 -17.37
N LYS A 6 -7.51 -18.90 -16.36
CA LYS A 6 -7.03 -18.83 -15.00
C LYS A 6 -5.53 -19.17 -14.94
N SER A 7 -5.14 -20.17 -15.74
CA SER A 7 -3.78 -20.67 -15.73
C SER A 7 -2.76 -19.56 -16.00
N LYS A 8 -3.06 -18.70 -16.99
CA LYS A 8 -2.03 -17.74 -17.36
C LYS A 8 -1.93 -16.71 -16.25
N VAL A 9 -3.09 -16.33 -15.71
CA VAL A 9 -3.17 -15.32 -14.68
C VAL A 9 -2.26 -15.70 -13.51
N ILE A 10 -2.23 -17.00 -13.19
CA ILE A 10 -1.61 -17.49 -11.97
C ILE A 10 -0.13 -17.73 -12.19
N ASN A 11 0.28 -18.31 -13.31
CA ASN A 11 1.70 -18.43 -13.63
C ASN A 11 2.38 -17.07 -13.67
N SER A 12 1.65 -16.06 -14.16
CA SER A 12 2.19 -14.72 -14.23
C SER A 12 2.28 -14.11 -12.84
N ALA A 13 1.30 -14.40 -11.99
CA ALA A 13 1.30 -13.87 -10.65
C ALA A 13 2.47 -14.43 -9.84
N LEU A 14 2.89 -15.66 -10.17
CA LEU A 14 3.99 -16.33 -9.50
C LEU A 14 5.33 -15.76 -9.95
N GLU A 15 5.49 -15.57 -11.27
CA GLU A 15 6.69 -14.92 -11.76
C GLU A 15 6.80 -13.57 -11.06
N LEU A 16 5.68 -12.86 -10.88
CA LEU A 16 5.67 -11.54 -10.28
C LEU A 16 5.95 -11.64 -8.78
N LEU A 17 5.62 -12.80 -8.18
CA LEU A 17 5.83 -12.94 -6.76
C LEU A 17 7.33 -12.99 -6.45
N ASN A 18 8.08 -13.68 -7.31
CA ASN A 18 9.53 -13.80 -7.20
C ASN A 18 10.20 -12.44 -7.33
N GLU A 19 9.66 -11.59 -8.22
CA GLU A 19 10.25 -10.31 -8.57
C GLU A 19 10.07 -9.29 -7.44
N VAL A 20 8.92 -9.27 -6.72
CA VAL A 20 8.60 -8.09 -5.90
C VAL A 20 8.07 -8.48 -4.52
N GLY A 21 7.76 -9.76 -4.29
CA GLY A 21 7.26 -10.19 -2.99
C GLY A 21 5.73 -10.09 -2.81
N ILE A 22 5.25 -10.73 -1.74
CA ILE A 22 3.82 -10.82 -1.51
C ILE A 22 3.25 -9.42 -1.29
N GLU A 23 4.01 -8.52 -0.63
CA GLU A 23 3.52 -7.19 -0.30
C GLU A 23 3.45 -6.32 -1.57
N GLY A 24 4.24 -6.67 -2.60
CA GLY A 24 4.44 -5.79 -3.74
C GLY A 24 3.61 -6.20 -4.96
N LEU A 25 2.60 -7.04 -4.70
CA LEU A 25 1.91 -7.75 -5.75
C LEU A 25 0.60 -7.05 -6.08
N THR A 26 0.64 -6.01 -6.92
CA THR A 26 -0.49 -5.10 -7.08
C THR A 26 -1.26 -5.52 -8.31
N THR A 27 -2.48 -5.04 -8.43
CA THR A 27 -3.27 -5.35 -9.61
C THR A 27 -2.72 -4.53 -10.79
N ARG A 28 -2.25 -3.30 -10.54
CA ARG A 28 -1.52 -2.53 -11.54
C ARG A 28 -0.44 -3.40 -12.20
N LYS A 29 0.39 -4.09 -11.39
CA LYS A 29 1.58 -4.74 -11.89
C LYS A 29 1.26 -6.06 -12.57
N LEU A 30 0.27 -6.75 -12.02
CA LEU A 30 -0.13 -8.04 -12.56
C LEU A 30 -0.73 -7.81 -13.94
N ALA A 31 -1.46 -6.71 -14.10
CA ALA A 31 -2.08 -6.40 -15.38
C ALA A 31 -1.01 -6.03 -16.41
N GLN A 32 -0.08 -5.17 -15.99
CA GLN A 32 1.08 -4.80 -16.79
C GLN A 32 1.77 -6.05 -17.38
N LYS A 33 1.96 -7.06 -16.53
CA LYS A 33 2.60 -8.31 -16.89
C LYS A 33 1.77 -9.14 -17.87
N LEU A 34 0.46 -9.26 -17.63
CA LEU A 34 -0.45 -10.00 -18.50
C LEU A 34 -0.79 -9.23 -19.79
N GLY A 35 -0.47 -7.93 -19.83
CA GLY A 35 -0.80 -7.13 -20.99
C GLY A 35 -2.31 -7.02 -21.22
N VAL A 36 -3.03 -6.64 -20.16
CA VAL A 36 -4.46 -6.39 -20.22
C VAL A 36 -4.77 -5.22 -19.31
N GLU A 37 -5.91 -4.59 -19.54
CA GLU A 37 -6.43 -3.55 -18.67
C GLU A 37 -6.99 -4.21 -17.43
N GLN A 38 -7.01 -3.45 -16.32
CA GLN A 38 -7.29 -3.94 -14.99
C GLN A 38 -8.72 -4.49 -14.85
N PRO A 39 -9.78 -3.89 -15.47
CA PRO A 39 -11.13 -4.48 -15.45
C PRO A 39 -11.27 -5.92 -15.96
N THR A 40 -10.44 -6.31 -16.95
CA THR A 40 -10.35 -7.70 -17.34
C THR A 40 -9.83 -8.54 -16.17
N LEU A 41 -8.90 -8.00 -15.39
CA LEU A 41 -8.33 -8.79 -14.32
C LEU A 41 -9.36 -8.96 -13.21
N TYR A 42 -10.17 -7.92 -12.96
CA TYR A 42 -11.18 -7.94 -11.90
C TYR A 42 -12.38 -8.78 -12.33
N TRP A 43 -12.45 -9.05 -13.65
CA TRP A 43 -13.41 -9.97 -14.23
C TRP A 43 -13.16 -11.39 -13.75
N HIS A 44 -11.89 -11.75 -13.56
CA HIS A 44 -11.48 -13.14 -13.40
C HIS A 44 -10.89 -13.40 -12.00
N VAL A 45 -10.48 -12.36 -11.26
CA VAL A 45 -10.00 -12.53 -9.90
C VAL A 45 -10.64 -11.43 -9.06
N LYS A 46 -11.21 -11.76 -7.91
CA LYS A 46 -11.56 -10.70 -6.97
C LYS A 46 -10.66 -10.81 -5.74
N ASN A 47 -10.46 -9.67 -5.08
CA ASN A 47 -9.47 -9.50 -4.03
C ASN A 47 -8.22 -10.35 -4.18
N LYS A 48 -7.22 -9.87 -3.43
CA LYS A 48 -5.90 -10.44 -3.41
C LYS A 48 -6.00 -11.83 -2.82
N ARG A 49 -7.03 -12.05 -2.01
CA ARG A 49 -7.07 -13.27 -1.21
C ARG A 49 -7.44 -14.43 -2.12
N ALA A 50 -8.30 -14.17 -3.10
CA ALA A 50 -8.65 -15.18 -4.08
C ALA A 50 -7.41 -15.54 -4.92
N LEU A 51 -6.56 -14.57 -5.19
CA LEU A 51 -5.40 -14.80 -6.00
C LEU A 51 -4.42 -15.71 -5.24
N LEU A 52 -4.16 -15.38 -3.95
CA LEU A 52 -3.21 -16.14 -3.16
C LEU A 52 -3.69 -17.58 -2.99
N ASP A 53 -5.01 -17.78 -2.94
CA ASP A 53 -5.56 -19.11 -2.72
C ASP A 53 -5.26 -20.03 -3.91
N ALA A 54 -5.34 -19.46 -5.13
CA ALA A 54 -5.11 -20.15 -6.39
C ALA A 54 -3.62 -20.36 -6.65
N MET A 55 -2.81 -19.36 -6.29
CA MET A 55 -1.37 -19.51 -6.33
C MET A 55 -0.93 -20.62 -5.38
N ALA A 56 -1.59 -20.68 -4.21
CA ALA A 56 -1.12 -21.57 -3.17
C ALA A 56 -1.21 -23.02 -3.61
N ILE A 57 -2.26 -23.38 -4.35
CA ILE A 57 -2.56 -24.75 -4.68
C ILE A 57 -1.81 -25.16 -5.93
N GLU A 58 -1.57 -24.17 -6.80
CA GLU A 58 -0.68 -24.34 -7.94
C GLU A 58 0.74 -24.62 -7.43
N MET A 59 1.21 -23.85 -6.45
CA MET A 59 2.54 -23.98 -5.90
C MET A 59 2.70 -25.40 -5.33
N LEU A 60 1.67 -25.84 -4.60
CA LEU A 60 1.68 -27.13 -3.91
C LEU A 60 1.52 -28.25 -4.93
N ASP A 61 0.75 -27.99 -6.01
CA ASP A 61 0.47 -28.96 -7.03
C ASP A 61 1.74 -29.31 -7.81
N ARG A 62 2.54 -28.29 -8.10
CA ARG A 62 3.77 -28.46 -8.87
C ARG A 62 4.75 -29.41 -8.18
N HIS A 63 4.66 -29.56 -6.86
CA HIS A 63 5.68 -30.22 -6.06
C HIS A 63 5.16 -31.57 -5.55
N ALA A 64 3.87 -31.81 -5.77
CA ALA A 64 3.21 -33.06 -5.39
C ALA A 64 3.34 -34.10 -6.50
N THR A 65 3.52 -35.37 -6.14
CA THR A 65 3.45 -36.44 -7.11
C THR A 65 1.98 -36.65 -7.49
N HIS A 66 1.71 -36.87 -8.79
CA HIS A 66 0.34 -36.94 -9.29
C HIS A 66 -0.09 -38.40 -9.46
N TYR A 67 0.57 -39.29 -8.70
CA TYR A 67 0.22 -40.70 -8.64
C TYR A 67 -0.63 -40.96 -7.41
N SER A 68 -1.38 -42.05 -7.41
CA SER A 68 -1.89 -42.57 -6.14
C SER A 68 -0.69 -43.08 -5.33
N PRO A 69 -0.75 -43.15 -3.98
CA PRO A 69 0.27 -43.82 -3.19
C PRO A 69 0.48 -45.28 -3.56
N LEU A 70 1.51 -45.91 -2.96
CA LEU A 70 2.08 -47.14 -3.47
C LEU A 70 1.20 -48.35 -3.12
N GLU A 71 0.38 -48.24 -2.07
CA GLU A 71 -0.51 -49.33 -1.68
C GLU A 71 0.14 -50.04 -0.49
N ARG A 72 1.46 -50.15 -0.58
CA ARG A 72 2.28 -50.51 0.56
C ARG A 72 2.25 -49.43 1.64
N GLU A 73 2.38 -48.15 1.25
CA GLU A 73 2.94 -47.12 2.12
C GLU A 73 2.35 -47.15 3.52
N SER A 74 3.21 -46.85 4.50
CA SER A 74 2.80 -46.59 5.86
C SER A 74 2.36 -45.13 6.05
N TRP A 75 1.55 -44.88 7.09
CA TRP A 75 1.14 -43.53 7.39
C TRP A 75 2.35 -42.65 7.72
N GLN A 76 3.35 -43.21 8.41
CA GLN A 76 4.59 -42.51 8.71
C GLN A 76 5.26 -41.98 7.44
N ASN A 77 5.48 -42.85 6.44
CA ASN A 77 6.05 -42.37 5.19
C ASN A 77 5.16 -41.36 4.50
N PHE A 78 3.84 -41.58 4.53
CA PHE A 78 2.94 -40.66 3.88
C PHE A 78 3.04 -39.27 4.53
N LEU A 79 3.10 -39.19 5.86
CA LEU A 79 3.26 -37.90 6.52
C LEU A 79 4.64 -37.35 6.18
N ARG A 80 5.62 -38.25 6.15
CA ARG A 80 7.01 -37.86 5.97
C ARG A 80 7.26 -37.27 4.58
N ASN A 81 6.65 -37.82 3.53
CA ASN A 81 6.85 -37.25 2.20
C ASN A 81 5.99 -36.00 1.99
N ASN A 82 4.75 -36.06 2.49
CA ASN A 82 3.88 -34.90 2.50
C ASN A 82 4.59 -33.70 3.08
N ALA A 83 5.18 -33.85 4.27
CA ALA A 83 5.97 -32.80 4.91
C ALA A 83 7.10 -32.27 4.02
N LYS A 84 7.89 -33.17 3.42
CA LYS A 84 9.05 -32.79 2.62
C LYS A 84 8.61 -32.16 1.30
N SER A 85 7.52 -32.67 0.73
CA SER A 85 6.96 -32.11 -0.49
C SER A 85 6.48 -30.68 -0.26
N MET A 86 5.81 -30.45 0.88
CA MET A 86 5.30 -29.13 1.23
C MET A 86 6.49 -28.19 1.41
N ARG A 87 7.53 -28.63 2.13
CA ARG A 87 8.71 -27.81 2.32
C ARG A 87 9.27 -27.26 0.99
N ASN A 88 9.37 -28.09 -0.05
CA ASN A 88 10.00 -27.66 -1.29
C ASN A 88 9.11 -26.64 -2.00
N ALA A 89 7.80 -26.84 -1.88
CA ALA A 89 6.84 -25.93 -2.47
C ALA A 89 6.94 -24.56 -1.80
N LEU A 90 7.01 -24.54 -0.47
CA LEU A 90 7.14 -23.31 0.29
C LEU A 90 8.46 -22.60 -0.01
N LEU A 91 9.55 -23.37 -0.23
CA LEU A 91 10.85 -22.79 -0.58
C LEU A 91 11.00 -22.44 -2.06
N SER A 92 10.04 -22.78 -2.94
CA SER A 92 10.16 -22.62 -4.39
C SER A 92 9.97 -21.18 -4.89
N HIS A 93 9.50 -20.28 -4.03
CA HIS A 93 9.12 -18.94 -4.46
C HIS A 93 9.28 -17.96 -3.30
N ARG A 94 9.65 -16.72 -3.63
CA ARG A 94 9.71 -15.70 -2.60
C ARG A 94 8.38 -15.70 -1.83
N ASP A 95 8.48 -15.65 -0.51
CA ASP A 95 7.36 -15.47 0.41
C ASP A 95 6.36 -16.63 0.39
N GLY A 96 6.71 -17.77 -0.21
CA GLY A 96 5.81 -18.90 -0.42
C GLY A 96 5.00 -19.26 0.84
N ALA A 97 5.70 -19.27 1.98
CA ALA A 97 5.08 -19.64 3.22
C ALA A 97 3.99 -18.65 3.58
N LYS A 98 4.27 -17.35 3.32
CA LYS A 98 3.32 -16.30 3.67
C LYS A 98 2.08 -16.45 2.79
N VAL A 99 2.30 -16.93 1.55
CA VAL A 99 1.23 -17.17 0.61
C VAL A 99 0.35 -18.29 1.10
N CYS A 100 0.95 -19.36 1.61
CA CYS A 100 0.23 -20.62 1.74
C CYS A 100 -0.42 -20.77 3.11
N LEU A 101 0.03 -19.99 4.11
CA LEU A 101 -0.54 -20.00 5.46
C LEU A 101 -2.06 -19.83 5.40
N GLY A 102 -2.81 -20.79 5.95
CA GLY A 102 -4.26 -20.68 6.10
C GLY A 102 -5.06 -21.17 4.88
N THR A 103 -4.42 -21.82 3.90
CA THR A 103 -5.09 -22.26 2.66
C THR A 103 -5.59 -23.70 2.76
N GLY A 104 -5.16 -24.44 3.79
CA GLY A 104 -5.34 -25.87 3.88
C GLY A 104 -6.78 -26.34 3.62
N PHE A 105 -7.76 -25.56 4.08
CA PHE A 105 -9.17 -25.91 3.93
C PHE A 105 -9.93 -24.85 3.14
N THR A 106 -9.25 -24.21 2.18
CA THR A 106 -9.94 -23.46 1.15
C THR A 106 -10.56 -24.46 0.15
N GLU A 107 -11.44 -23.96 -0.74
CA GLU A 107 -12.16 -24.76 -1.74
C GLU A 107 -11.18 -25.56 -2.60
N GLN A 108 -10.07 -24.92 -2.98
CA GLN A 108 -9.16 -25.50 -3.96
C GLN A 108 -8.35 -26.66 -3.38
N GLN A 109 -8.30 -26.80 -2.06
CA GLN A 109 -7.63 -27.95 -1.46
C GLN A 109 -8.63 -28.93 -0.80
N TYR A 110 -9.93 -28.77 -1.03
CA TYR A 110 -10.88 -29.80 -0.63
C TYR A 110 -10.48 -31.16 -1.22
N GLU A 111 -10.00 -31.20 -2.47
CA GLU A 111 -9.60 -32.47 -3.03
C GLU A 111 -8.45 -33.09 -2.24
N THR A 112 -7.34 -32.38 -2.10
CA THR A 112 -6.15 -32.87 -1.40
C THR A 112 -6.45 -33.26 0.04
N ALA A 113 -7.22 -32.44 0.76
CA ALA A 113 -7.53 -32.71 2.17
C ALA A 113 -8.38 -33.98 2.30
N GLU A 114 -9.36 -34.16 1.40
CA GLU A 114 -10.19 -35.35 1.46
C GLU A 114 -9.29 -36.59 1.35
N ASN A 115 -8.32 -36.56 0.42
CA ASN A 115 -7.45 -37.72 0.20
C ASN A 115 -6.48 -37.96 1.36
N SER A 116 -6.03 -36.89 2.02
CA SER A 116 -5.10 -37.04 3.13
C SER A 116 -5.87 -37.58 4.32
N LEU A 117 -7.08 -37.07 4.55
CA LEU A 117 -7.93 -37.59 5.60
C LEU A 117 -8.27 -39.04 5.30
N ALA A 118 -8.66 -39.35 4.05
CA ALA A 118 -9.10 -40.71 3.74
C ALA A 118 -7.99 -41.71 4.06
N PHE A 119 -6.82 -41.56 3.42
CA PHE A 119 -5.65 -42.37 3.71
C PHE A 119 -5.45 -42.53 5.21
N LEU A 120 -5.42 -41.45 5.98
CA LEU A 120 -5.13 -41.61 7.39
C LEU A 120 -6.21 -42.49 8.03
N THR A 121 -7.51 -42.32 7.72
CA THR A 121 -8.55 -43.14 8.36
C THR A 121 -8.49 -44.58 7.81
N GLN A 122 -8.20 -44.71 6.51
CA GLN A 122 -7.82 -45.96 5.85
C GLN A 122 -6.90 -46.78 6.76
N GLN A 123 -5.87 -46.14 7.34
CA GLN A 123 -4.85 -46.82 8.14
C GLN A 123 -5.10 -46.73 9.65
N GLY A 124 -6.32 -46.36 10.08
CA GLY A 124 -6.72 -46.56 11.46
C GLY A 124 -6.93 -45.27 12.27
N PHE A 125 -6.49 -44.11 11.79
CA PHE A 125 -6.66 -42.90 12.55
C PHE A 125 -8.17 -42.62 12.66
N SER A 126 -8.68 -42.30 13.86
CA SER A 126 -9.97 -41.63 13.97
C SER A 126 -9.89 -40.27 13.28
N LEU A 127 -11.07 -39.71 12.92
CA LEU A 127 -11.11 -38.54 12.06
C LEU A 127 -10.41 -37.38 12.77
N GLU A 128 -10.67 -37.29 14.08
CA GLU A 128 -10.09 -36.28 14.94
C GLU A 128 -8.57 -36.36 15.04
N ASN A 129 -7.98 -37.57 15.02
CA ASN A 129 -6.53 -37.67 15.11
C ASN A 129 -5.86 -37.38 13.78
N ALA A 130 -6.57 -37.65 12.67
CA ALA A 130 -6.10 -37.33 11.33
C ALA A 130 -6.07 -35.83 11.14
N LEU A 131 -7.19 -35.16 11.39
CA LEU A 131 -7.22 -33.72 11.36
C LEU A 131 -6.04 -33.14 12.15
N TYR A 132 -5.86 -33.61 13.39
CA TYR A 132 -4.93 -32.97 14.30
C TYR A 132 -3.52 -33.34 13.89
N ALA A 133 -3.32 -34.52 13.28
CA ALA A 133 -1.99 -34.93 12.81
C ALA A 133 -1.52 -34.10 11.62
N MET A 134 -2.39 -33.95 10.62
CA MET A 134 -2.10 -33.21 9.41
C MET A 134 -1.84 -31.76 9.74
N GLN A 135 -2.70 -31.18 10.59
CA GLN A 135 -2.54 -29.77 10.97
C GLN A 135 -1.19 -29.57 11.66
N ALA A 136 -0.83 -30.44 12.61
CA ALA A 136 0.40 -30.28 13.36
C ALA A 136 1.60 -30.28 12.41
N VAL A 137 1.62 -31.28 11.52
CA VAL A 137 2.71 -31.49 10.59
C VAL A 137 2.73 -30.33 9.60
N GLY A 138 1.54 -29.92 9.15
CA GLY A 138 1.40 -28.78 8.25
C GLY A 138 2.07 -27.52 8.80
N ILE A 139 1.73 -27.14 10.05
CA ILE A 139 2.06 -25.82 10.58
C ILE A 139 3.50 -25.81 11.06
N TYR A 140 4.00 -26.96 11.51
CA TYR A 140 5.39 -27.04 11.90
C TYR A 140 6.26 -26.79 10.66
N THR A 141 5.95 -27.48 9.55
CA THR A 141 6.71 -27.33 8.32
C THR A 141 6.68 -25.86 7.88
N LEU A 142 5.50 -25.25 7.91
CA LEU A 142 5.35 -23.89 7.39
C LEU A 142 6.09 -22.92 8.30
N GLY A 143 6.08 -23.24 9.59
CA GLY A 143 6.74 -22.47 10.63
C GLY A 143 8.25 -22.40 10.48
N CYS A 144 8.89 -23.57 10.33
CA CYS A 144 10.33 -23.62 10.16
C CYS A 144 10.76 -22.82 8.93
N VAL A 145 10.00 -22.93 7.83
CA VAL A 145 10.26 -22.16 6.63
C VAL A 145 10.06 -20.66 6.91
N LEU A 146 8.99 -20.26 7.60
CA LEU A 146 8.91 -18.86 8.00
C LEU A 146 10.12 -18.42 8.83
N LEU A 147 10.45 -19.17 9.90
CA LEU A 147 11.55 -18.82 10.80
C LEU A 147 12.82 -18.59 10.00
N ASP A 148 13.07 -19.45 9.01
CA ASP A 148 14.31 -19.39 8.25
C ASP A 148 14.36 -18.08 7.47
N GLN A 149 13.36 -17.83 6.62
CA GLN A 149 13.22 -16.55 5.95
C GLN A 149 13.64 -15.42 6.89
N GLU A 150 13.05 -15.39 8.09
CA GLU A 150 13.20 -14.27 9.00
C GLU A 150 14.65 -14.15 9.52
N LEU A 151 15.27 -15.26 9.92
CA LEU A 151 16.59 -15.15 10.50
C LEU A 151 17.57 -14.55 9.49
N GLN A 152 17.41 -14.88 8.20
CA GLN A 152 18.22 -14.31 7.12
C GLN A 152 17.93 -12.81 6.97
N VAL A 153 16.66 -12.43 6.91
CA VAL A 153 16.35 -11.02 6.73
C VAL A 153 16.72 -10.18 7.96
N ALA A 154 16.69 -10.78 9.16
CA ALA A 154 16.83 -10.05 10.41
C ALA A 154 18.29 -9.82 10.74
N LYS A 155 19.19 -10.76 10.40
CA LYS A 155 20.59 -10.65 10.78
C LYS A 155 21.22 -9.39 10.18
N GLU A 156 20.60 -8.80 9.14
CA GLU A 156 21.06 -7.57 8.50
C GLU A 156 20.68 -6.35 9.33
N GLU A 157 19.52 -6.37 10.01
CA GLU A 157 18.90 -5.20 10.61
C GLU A 157 19.29 -5.03 12.09
N ARG A 158 20.16 -5.93 12.59
CA ARG A 158 20.63 -5.95 13.98
C ARG A 158 22.15 -6.01 14.02
N GLU A 159 22.76 -5.31 14.99
CA GLU A 159 24.20 -5.22 15.09
C GLU A 159 24.78 -6.64 15.17
N THR A 160 25.84 -6.90 14.39
CA THR A 160 26.60 -8.14 14.52
C THR A 160 26.89 -8.36 16.00
N PRO A 161 26.63 -9.58 16.54
CA PRO A 161 26.77 -9.84 17.97
C PRO A 161 28.17 -10.29 18.36
N THR A 162 28.54 -9.98 19.60
CA THR A 162 29.85 -10.30 20.14
C THR A 162 29.76 -11.57 20.98
N THR A 163 30.71 -12.50 20.78
CA THR A 163 30.64 -13.86 21.32
C THR A 163 31.40 -14.00 22.65
N ASP A 164 31.74 -12.88 23.29
CA ASP A 164 32.14 -12.86 24.69
C ASP A 164 30.96 -12.48 25.58
N SER A 165 30.01 -11.72 25.01
CA SER A 165 28.80 -11.22 25.66
C SER A 165 27.74 -12.30 25.89
N MET A 166 27.91 -13.44 25.21
CA MET A 166 27.02 -14.57 25.36
C MET A 166 27.40 -15.34 26.61
N PRO A 167 26.46 -15.98 27.32
CA PRO A 167 26.82 -17.02 28.30
C PRO A 167 27.32 -18.25 27.56
N PRO A 168 27.94 -19.23 28.28
CA PRO A 168 28.60 -20.37 27.64
C PRO A 168 27.72 -21.32 26.82
N LEU A 169 26.64 -21.85 27.42
CA LEU A 169 25.77 -22.79 26.74
C LEU A 169 25.15 -22.13 25.51
N VAL A 170 24.85 -20.83 25.61
CA VAL A 170 24.31 -20.06 24.50
C VAL A 170 25.32 -19.93 23.37
N ARG A 171 26.62 -19.84 23.68
CA ARG A 171 27.64 -19.78 22.64
C ARG A 171 27.73 -21.14 21.98
N GLN A 172 27.94 -22.20 22.76
CA GLN A 172 27.98 -23.54 22.20
C GLN A 172 26.76 -23.80 21.31
N ALA A 173 25.65 -23.07 21.53
CA ALA A 173 24.37 -23.32 20.85
C ALA A 173 24.23 -22.48 19.59
N VAL A 174 24.54 -21.18 19.67
CA VAL A 174 24.54 -20.32 18.49
C VAL A 174 25.38 -20.99 17.40
N GLU A 175 26.65 -21.27 17.72
CA GLU A 175 27.57 -21.91 16.78
C GLU A 175 26.92 -23.13 16.13
N LEU A 176 26.22 -23.93 16.94
CA LEU A 176 25.65 -25.18 16.48
C LEU A 176 24.60 -24.98 15.39
N LYS A 177 23.63 -24.08 15.63
CA LYS A 177 22.57 -23.81 14.68
C LYS A 177 23.17 -23.28 13.38
N ASP A 178 24.04 -22.26 13.53
CA ASP A 178 24.77 -21.63 12.43
C ASP A 178 25.43 -22.68 11.54
N HIS A 179 26.07 -23.68 12.16
CA HIS A 179 26.86 -24.64 11.43
C HIS A 179 25.96 -25.71 10.81
N GLN A 180 24.93 -26.16 11.53
CA GLN A 180 24.17 -27.30 11.06
C GLN A 180 23.15 -26.88 10.00
N GLY A 181 22.84 -25.57 9.92
CA GLY A 181 21.92 -25.08 8.91
C GLY A 181 20.45 -25.40 9.23
N ALA A 182 19.62 -25.36 8.18
CA ALA A 182 18.18 -25.19 8.30
C ALA A 182 17.47 -26.54 8.38
N GLU A 183 17.91 -27.49 7.54
CA GLU A 183 17.19 -28.72 7.31
C GLU A 183 17.26 -29.69 8.49
N PRO A 184 18.44 -29.96 9.12
CA PRO A 184 18.48 -30.86 10.27
C PRO A 184 17.49 -30.50 11.39
N ALA A 185 17.28 -29.20 11.62
CA ALA A 185 16.33 -28.77 12.63
C ALA A 185 14.93 -29.27 12.25
N PHE A 186 14.56 -29.02 10.99
CA PHE A 186 13.24 -29.35 10.47
C PHE A 186 13.00 -30.85 10.59
N LEU A 187 13.97 -31.66 10.15
CA LEU A 187 13.79 -33.10 10.16
C LEU A 187 13.78 -33.63 11.59
N PHE A 188 14.49 -32.94 12.49
CA PHE A 188 14.50 -33.36 13.89
C PHE A 188 13.11 -33.22 14.51
N GLY A 189 12.45 -32.08 14.22
CA GLY A 189 11.10 -31.83 14.71
C GLY A 189 10.08 -32.77 14.07
N LEU A 190 10.23 -33.06 12.77
CA LEU A 190 9.30 -33.92 12.05
C LEU A 190 9.35 -35.34 12.58
N GLU A 191 10.56 -35.80 12.98
CA GLU A 191 10.70 -37.12 13.58
C GLU A 191 10.10 -37.14 14.98
N LEU A 192 10.23 -36.03 15.75
CA LEU A 192 9.55 -35.90 17.04
C LEU A 192 8.03 -36.10 16.89
N ILE A 193 7.37 -35.37 15.98
CA ILE A 193 5.92 -35.42 15.79
C ILE A 193 5.48 -36.82 15.37
N ILE A 194 6.25 -37.49 14.51
CA ILE A 194 5.86 -38.80 14.03
C ILE A 194 6.03 -39.84 15.15
N ALA A 195 7.09 -39.73 15.96
CA ALA A 195 7.28 -40.64 17.09
C ALA A 195 6.13 -40.47 18.08
N GLY A 196 5.82 -39.23 18.42
CA GLY A 196 4.67 -38.95 19.26
C GLY A 196 3.42 -39.65 18.73
N LEU A 197 3.27 -39.65 17.40
CA LEU A 197 2.05 -40.18 16.81
C LEU A 197 2.01 -41.68 16.99
N GLU A 198 3.17 -42.35 16.96
CA GLU A 198 3.24 -43.79 17.18
C GLU A 198 2.76 -44.09 18.62
N LYS A 199 1.55 -44.65 18.73
CA LYS A 199 0.82 -44.70 19.99
C LYS A 199 -0.46 -45.54 19.86
N SER B 7 11.19 2.38 28.40
CA SER B 7 10.22 1.54 29.17
C SER B 7 8.77 1.98 28.99
N LYS B 8 8.48 3.26 29.23
CA LYS B 8 7.19 3.81 28.82
C LYS B 8 7.21 4.06 27.31
N VAL B 9 8.43 4.24 26.77
CA VAL B 9 8.68 4.02 25.36
C VAL B 9 7.90 2.78 24.89
N ILE B 10 8.14 1.65 25.59
CA ILE B 10 7.72 0.34 25.11
C ILE B 10 6.22 0.14 25.34
N ASN B 11 5.72 0.41 26.55
CA ASN B 11 4.30 0.25 26.83
C ASN B 11 3.48 0.99 25.78
N SER B 12 3.98 2.17 25.40
CA SER B 12 3.41 2.97 24.34
C SER B 12 3.42 2.22 23.01
N ALA B 13 4.57 1.64 22.68
CA ALA B 13 4.74 0.88 21.45
C ALA B 13 3.77 -0.31 21.42
N LEU B 14 3.63 -0.97 22.56
CA LEU B 14 2.67 -2.05 22.65
C LEU B 14 1.26 -1.59 22.24
N GLU B 15 0.78 -0.44 22.72
CA GLU B 15 -0.61 -0.05 22.45
C GLU B 15 -0.76 0.48 21.02
N LEU B 16 0.32 1.01 20.43
CA LEU B 16 0.29 1.40 19.03
C LEU B 16 0.15 0.15 18.14
N LEU B 17 0.66 -1.00 18.61
CA LEU B 17 0.58 -2.24 17.85
C LEU B 17 -0.89 -2.64 17.66
N ASN B 18 -1.65 -2.61 18.77
CA ASN B 18 -3.03 -3.03 18.79
C ASN B 18 -3.88 -2.03 18.02
N GLU B 19 -3.50 -0.76 18.04
CA GLU B 19 -4.22 0.27 17.30
C GLU B 19 -4.05 0.09 15.79
N VAL B 20 -2.86 -0.30 15.32
CA VAL B 20 -2.55 -0.09 13.92
C VAL B 20 -1.82 -1.26 13.26
N GLY B 21 -1.48 -2.31 14.04
CA GLY B 21 -0.87 -3.52 13.51
C GLY B 21 0.60 -3.35 13.13
N ILE B 22 1.30 -4.47 12.94
CA ILE B 22 2.76 -4.47 12.85
C ILE B 22 3.26 -3.69 11.65
N GLU B 23 2.49 -3.66 10.54
CA GLU B 23 2.99 -3.01 9.33
C GLU B 23 2.84 -1.49 9.42
N GLY B 24 1.89 -1.01 10.22
CA GLY B 24 1.74 0.41 10.51
C GLY B 24 2.66 0.91 11.63
N LEU B 25 3.28 -0.01 12.40
CA LEU B 25 4.15 0.36 13.51
C LEU B 25 5.48 0.88 12.97
N THR B 26 5.74 2.19 13.14
CA THR B 26 6.97 2.84 12.71
C THR B 26 7.42 3.80 13.81
N THR B 27 8.72 4.11 13.82
CA THR B 27 9.29 4.98 14.84
C THR B 27 8.81 6.42 14.63
N ARG B 28 8.48 6.79 13.37
CA ARG B 28 7.80 8.04 13.04
C ARG B 28 6.50 8.11 13.87
N LYS B 29 5.64 7.07 13.77
CA LYS B 29 4.32 7.07 14.37
C LYS B 29 4.43 6.94 15.89
N LEU B 30 5.52 6.31 16.38
CA LEU B 30 5.72 6.12 17.81
C LEU B 30 6.03 7.46 18.48
N ALA B 31 6.98 8.20 17.91
CA ALA B 31 7.35 9.50 18.44
C ALA B 31 6.17 10.47 18.34
N GLN B 32 5.60 10.56 17.13
CA GLN B 32 4.45 11.42 16.89
C GLN B 32 3.41 11.22 17.98
N LYS B 33 3.36 10.00 18.55
CA LYS B 33 2.37 9.59 19.53
C LYS B 33 2.93 9.78 20.94
N LEU B 34 4.23 9.55 21.13
CA LEU B 34 4.90 9.80 22.41
C LEU B 34 4.90 11.29 22.71
N GLY B 35 4.93 12.11 21.66
CA GLY B 35 4.97 13.56 21.78
C GLY B 35 6.35 14.08 21.37
N VAL B 36 7.37 13.46 21.95
CA VAL B 36 8.75 13.83 21.73
C VAL B 36 9.04 13.89 20.24
N GLU B 37 10.16 14.51 19.90
CA GLU B 37 10.64 14.51 18.53
C GLU B 37 11.36 13.20 18.27
N GLN B 38 11.59 12.89 16.98
CA GLN B 38 12.33 11.71 16.58
C GLN B 38 13.60 11.59 17.41
N PRO B 39 14.52 12.60 17.39
CA PRO B 39 15.85 12.46 17.98
C PRO B 39 15.95 12.08 19.46
N THR B 40 14.94 12.47 20.25
CA THR B 40 14.84 12.07 21.64
C THR B 40 14.63 10.55 21.73
N LEU B 41 14.11 9.94 20.64
CA LEU B 41 13.60 8.58 20.66
C LEU B 41 14.67 7.56 20.25
N TYR B 42 15.52 7.93 19.27
CA TYR B 42 16.65 7.09 18.84
C TYR B 42 17.55 6.71 20.01
N TRP B 43 17.66 7.58 21.02
CA TRP B 43 18.47 7.31 22.20
C TRP B 43 17.96 6.06 22.89
N HIS B 44 16.64 5.89 22.87
CA HIS B 44 15.99 4.73 23.47
C HIS B 44 15.98 3.53 22.52
N VAL B 45 15.75 3.76 21.21
CA VAL B 45 15.47 2.71 20.22
C VAL B 45 16.02 3.09 18.84
N LYS B 46 17.00 2.32 18.32
CA LYS B 46 17.77 2.73 17.14
C LYS B 46 16.99 2.58 15.82
N ASN B 47 16.20 1.53 15.68
CA ASN B 47 15.44 1.30 14.46
C ASN B 47 14.19 0.49 14.80
N LYS B 48 13.41 0.10 13.77
CA LYS B 48 12.21 -0.70 13.96
C LYS B 48 12.54 -2.12 14.43
N ARG B 49 13.74 -2.63 14.16
CA ARG B 49 14.06 -3.98 14.60
C ARG B 49 14.28 -3.97 16.11
N ALA B 50 15.17 -3.12 16.61
CA ALA B 50 15.48 -3.09 18.04
C ALA B 50 14.20 -2.80 18.83
N LEU B 51 13.29 -2.00 18.25
CA LEU B 51 12.02 -1.72 18.89
C LEU B 51 11.28 -3.03 19.15
N LEU B 52 11.15 -3.82 18.07
CA LEU B 52 10.50 -5.11 18.12
C LEU B 52 11.18 -6.05 19.13
N ASP B 53 12.52 -6.04 19.16
CA ASP B 53 13.29 -6.88 20.06
C ASP B 53 12.94 -6.58 21.52
N ALA B 54 12.70 -5.30 21.84
CA ALA B 54 12.44 -4.84 23.19
C ALA B 54 11.00 -5.14 23.60
N MET B 55 10.05 -5.01 22.64
CA MET B 55 8.65 -5.38 22.86
C MET B 55 8.52 -6.89 23.12
N ALA B 56 9.37 -7.69 22.45
CA ALA B 56 9.25 -9.13 22.47
C ALA B 56 9.48 -9.69 23.87
N ILE B 57 10.51 -9.22 24.60
CA ILE B 57 10.70 -9.63 25.98
C ILE B 57 9.58 -9.10 26.87
N GLU B 58 9.14 -7.87 26.65
CA GLU B 58 8.06 -7.36 27.47
C GLU B 58 6.87 -8.33 27.38
N MET B 59 6.51 -8.77 26.18
CA MET B 59 5.40 -9.69 25.97
C MET B 59 5.67 -10.98 26.74
N LEU B 60 6.86 -11.54 26.58
CA LEU B 60 7.18 -12.87 27.10
C LEU B 60 7.41 -12.86 28.61
N ASP B 61 8.15 -11.87 29.14
CA ASP B 61 8.25 -11.67 30.59
C ASP B 61 6.86 -11.69 31.22
N ARG B 62 6.21 -10.51 31.25
CA ARG B 62 4.96 -10.26 31.94
C ARG B 62 4.33 -11.55 32.48
N SER B 74 10.41 -31.30 36.78
CA SER B 74 10.15 -32.23 35.65
C SER B 74 10.43 -31.54 34.32
N TRP B 75 11.25 -32.13 33.44
CA TRP B 75 11.58 -31.44 32.20
C TRP B 75 10.34 -31.37 31.29
N GLN B 76 9.51 -32.41 31.30
CA GLN B 76 8.28 -32.41 30.52
C GLN B 76 7.44 -31.18 30.86
N ASN B 77 7.14 -30.98 32.16
CA ASN B 77 6.23 -29.93 32.57
C ASN B 77 6.88 -28.56 32.38
N PHE B 78 8.22 -28.51 32.34
CA PHE B 78 8.92 -27.27 32.02
C PHE B 78 8.61 -26.84 30.59
N LEU B 79 8.75 -27.77 29.62
CA LEU B 79 8.50 -27.50 28.20
C LEU B 79 7.04 -27.13 28.00
N ARG B 80 6.13 -27.86 28.65
CA ARG B 80 4.70 -27.63 28.51
C ARG B 80 4.33 -26.23 29.01
N ASN B 81 4.87 -25.81 30.15
CA ASN B 81 4.43 -24.54 30.69
C ASN B 81 5.02 -23.40 29.87
N ASN B 82 6.31 -23.52 29.53
CA ASN B 82 6.92 -22.56 28.63
C ASN B 82 6.05 -22.39 27.40
N ALA B 83 5.67 -23.53 26.79
CA ALA B 83 4.86 -23.52 25.59
C ALA B 83 3.58 -22.71 25.85
N LYS B 84 2.82 -23.06 26.92
CA LYS B 84 1.50 -22.48 27.14
C LYS B 84 1.64 -20.99 27.43
N SER B 85 2.73 -20.67 28.13
CA SER B 85 3.04 -19.30 28.51
C SER B 85 3.39 -18.44 27.29
N MET B 86 4.18 -18.99 26.34
CA MET B 86 4.53 -18.32 25.09
C MET B 86 3.27 -17.97 24.28
N ARG B 87 2.39 -18.97 24.18
CA ARG B 87 1.13 -18.89 23.48
C ARG B 87 0.29 -17.74 24.04
N ASN B 88 0.08 -17.74 25.38
CA ASN B 88 -0.70 -16.66 25.99
C ASN B 88 -0.09 -15.29 25.69
N ALA B 89 1.24 -15.16 25.80
CA ALA B 89 1.89 -13.89 25.48
C ALA B 89 1.64 -13.43 24.04
N LEU B 90 1.78 -14.34 23.07
CA LEU B 90 1.63 -14.00 21.67
C LEU B 90 0.18 -13.72 21.32
N LEU B 91 -0.76 -14.33 22.05
CA LEU B 91 -2.17 -14.10 21.77
C LEU B 91 -2.67 -12.81 22.43
N SER B 92 -1.98 -12.31 23.46
CA SER B 92 -2.35 -11.07 24.13
C SER B 92 -2.31 -9.84 23.22
N HIS B 93 -1.49 -9.79 22.15
CA HIS B 93 -1.43 -8.60 21.32
C HIS B 93 -1.50 -8.91 19.83
N ARG B 94 -2.01 -7.92 19.08
CA ARG B 94 -2.19 -8.02 17.64
C ARG B 94 -0.83 -8.31 17.00
N ASP B 95 -0.82 -9.30 16.11
CA ASP B 95 0.38 -9.68 15.39
C ASP B 95 1.49 -10.02 16.37
N GLY B 96 1.11 -10.50 17.57
CA GLY B 96 2.07 -10.85 18.62
C GLY B 96 3.10 -11.85 18.11
N ALA B 97 2.58 -12.85 17.38
CA ALA B 97 3.40 -13.89 16.80
C ALA B 97 4.42 -13.34 15.83
N LYS B 98 4.00 -12.36 15.02
CA LYS B 98 4.88 -11.79 14.00
C LYS B 98 5.94 -10.87 14.61
N VAL B 99 5.63 -10.22 15.73
CA VAL B 99 6.62 -9.43 16.45
C VAL B 99 7.74 -10.35 16.92
N CYS B 100 7.38 -11.45 17.60
CA CYS B 100 8.33 -12.24 18.36
C CYS B 100 9.15 -13.22 17.54
N LEU B 101 8.80 -13.49 16.27
CA LEU B 101 9.45 -14.54 15.49
C LEU B 101 10.96 -14.28 15.31
N GLY B 102 11.78 -15.28 15.65
CA GLY B 102 13.22 -15.17 15.45
C GLY B 102 13.93 -14.24 16.44
N THR B 103 13.36 -14.09 17.65
CA THR B 103 13.91 -13.30 18.74
C THR B 103 14.50 -14.18 19.85
N GLY B 104 14.49 -15.51 19.67
CA GLY B 104 14.86 -16.46 20.71
C GLY B 104 16.29 -16.31 21.22
N PHE B 105 17.24 -16.02 20.31
CA PHE B 105 18.65 -15.82 20.68
C PHE B 105 19.10 -14.39 20.39
N THR B 106 18.22 -13.41 20.64
CA THR B 106 18.58 -11.99 20.73
C THR B 106 19.13 -11.72 22.12
N GLU B 107 19.76 -10.56 22.30
CA GLU B 107 20.52 -10.29 23.51
C GLU B 107 19.60 -10.39 24.71
N GLN B 108 18.43 -9.75 24.61
CA GLN B 108 17.45 -9.69 25.70
C GLN B 108 16.98 -11.07 26.20
N GLN B 109 17.19 -12.12 25.39
CA GLN B 109 16.74 -13.45 25.75
C GLN B 109 17.91 -14.36 26.17
N TYR B 110 19.14 -13.85 26.26
CA TYR B 110 20.28 -14.68 26.63
C TYR B 110 20.04 -15.38 27.98
N GLU B 111 19.44 -14.63 28.92
CA GLU B 111 19.20 -15.10 30.28
C GLU B 111 18.22 -16.27 30.25
N THR B 112 17.02 -16.06 29.70
CA THR B 112 16.03 -17.13 29.55
C THR B 112 16.65 -18.36 28.88
N ALA B 113 17.39 -18.14 27.78
CA ALA B 113 17.91 -19.25 27.00
C ALA B 113 18.82 -20.12 27.87
N GLU B 114 19.94 -19.52 28.33
CA GLU B 114 20.93 -20.22 29.15
C GLU B 114 20.22 -21.03 30.24
N ASN B 115 19.32 -20.38 31.00
CA ASN B 115 18.49 -21.07 31.99
C ASN B 115 17.90 -22.36 31.44
N SER B 116 17.14 -22.27 30.34
CA SER B 116 16.45 -23.41 29.79
C SER B 116 17.45 -24.46 29.31
N LEU B 117 18.51 -23.99 28.63
CA LEU B 117 19.58 -24.85 28.17
C LEU B 117 20.26 -25.50 29.38
N ALA B 118 20.41 -24.72 30.45
CA ALA B 118 21.10 -25.15 31.67
C ALA B 118 20.31 -26.29 32.33
N PHE B 119 19.05 -25.98 32.63
CA PHE B 119 18.17 -26.92 33.30
C PHE B 119 17.92 -28.16 32.45
N LEU B 120 17.86 -28.02 31.11
CA LEU B 120 17.62 -29.17 30.26
C LEU B 120 18.84 -30.08 30.23
N THR B 121 20.08 -29.54 30.19
CA THR B 121 21.25 -30.40 30.21
C THR B 121 21.39 -31.07 31.58
N GLN B 122 20.90 -30.39 32.63
CA GLN B 122 20.94 -30.89 33.99
C GLN B 122 20.27 -32.25 34.08
N GLN B 123 19.24 -32.44 33.26
CA GLN B 123 18.38 -33.61 33.35
C GLN B 123 18.71 -34.58 32.23
N GLY B 124 19.96 -34.54 31.77
CA GLY B 124 20.50 -35.56 30.89
C GLY B 124 20.02 -35.39 29.45
N PHE B 125 19.69 -34.15 29.06
CA PHE B 125 19.67 -33.78 27.66
C PHE B 125 21.08 -33.33 27.29
N SER B 126 21.60 -33.90 26.20
CA SER B 126 22.70 -33.30 25.46
C SER B 126 22.38 -31.83 25.13
N LEU B 127 23.39 -30.96 25.10
CA LEU B 127 23.12 -29.59 24.70
C LEU B 127 22.50 -29.54 23.29
N GLU B 128 23.05 -30.30 22.34
CA GLU B 128 22.50 -30.41 21.00
C GLU B 128 20.99 -30.70 21.01
N ASN B 129 20.51 -31.62 21.86
CA ASN B 129 19.08 -31.91 21.90
C ASN B 129 18.30 -30.90 22.74
N ALA B 130 18.97 -30.22 23.67
CA ALA B 130 18.32 -29.14 24.40
C ALA B 130 17.86 -28.09 23.39
N LEU B 131 18.76 -27.79 22.47
CA LEU B 131 18.55 -26.78 21.47
C LEU B 131 17.44 -27.18 20.48
N TYR B 132 17.46 -28.42 20.01
CA TYR B 132 16.47 -28.85 19.06
C TYR B 132 15.15 -29.14 19.80
N ALA B 133 15.23 -29.34 21.11
CA ALA B 133 14.00 -29.47 21.89
C ALA B 133 13.33 -28.11 22.07
N MET B 134 14.04 -27.14 22.64
CA MET B 134 13.47 -25.82 22.83
C MET B 134 12.93 -25.25 21.52
N GLN B 135 13.71 -25.39 20.45
CA GLN B 135 13.41 -24.71 19.19
C GLN B 135 12.23 -25.36 18.47
N ALA B 136 12.04 -26.67 18.60
CA ALA B 136 10.87 -27.32 17.98
C ALA B 136 9.58 -26.85 18.63
N VAL B 137 9.57 -26.85 19.98
CA VAL B 137 8.41 -26.49 20.78
C VAL B 137 8.07 -25.03 20.50
N GLY B 138 9.12 -24.20 20.32
CA GLY B 138 8.97 -22.77 20.12
C GLY B 138 8.31 -22.40 18.79
N ILE B 139 8.73 -23.06 17.68
CA ILE B 139 8.31 -22.67 16.34
C ILE B 139 6.94 -23.29 16.06
N TYR B 140 6.63 -24.42 16.71
CA TYR B 140 5.27 -24.96 16.67
C TYR B 140 4.26 -24.08 17.41
N THR B 141 4.59 -23.63 18.63
CA THR B 141 3.72 -22.77 19.41
C THR B 141 3.49 -21.45 18.67
N LEU B 142 4.57 -20.84 18.19
CA LEU B 142 4.54 -19.62 17.40
C LEU B 142 3.65 -19.80 16.17
N GLY B 143 3.76 -20.98 15.52
CA GLY B 143 3.07 -21.24 14.26
C GLY B 143 1.56 -21.42 14.44
N CYS B 144 1.18 -22.11 15.51
CA CYS B 144 -0.22 -22.18 15.88
C CYS B 144 -0.84 -20.79 16.01
N VAL B 145 -0.12 -19.83 16.62
CA VAL B 145 -0.62 -18.48 16.85
C VAL B 145 -0.61 -17.69 15.54
N LEU B 146 0.49 -17.77 14.73
CA LEU B 146 0.46 -17.16 13.40
C LEU B 146 -0.80 -17.62 12.70
N LEU B 147 -1.12 -18.92 12.82
CA LEU B 147 -2.17 -19.55 12.04
C LEU B 147 -3.53 -19.00 12.46
N ASP B 148 -3.76 -19.03 13.77
CA ASP B 148 -4.95 -18.49 14.42
C ASP B 148 -5.12 -17.03 13.98
N GLN B 149 -4.03 -16.23 14.05
CA GLN B 149 -4.14 -14.81 13.82
C GLN B 149 -4.46 -14.59 12.34
N GLU B 150 -3.97 -15.49 11.47
CA GLU B 150 -4.20 -15.37 10.04
C GLU B 150 -5.61 -15.79 9.65
N LEU B 151 -6.19 -16.80 10.30
CA LEU B 151 -7.53 -17.24 9.94
C LEU B 151 -8.59 -16.18 10.26
N GLN B 152 -8.34 -15.39 11.32
CA GLN B 152 -9.24 -14.31 11.72
C GLN B 152 -9.35 -13.29 10.60
N VAL B 153 -8.23 -12.62 10.28
CA VAL B 153 -8.20 -11.65 9.21
C VAL B 153 -8.83 -12.21 7.92
N ALA B 154 -8.54 -13.48 7.58
CA ALA B 154 -8.83 -13.96 6.23
C ALA B 154 -10.30 -14.34 6.05
N LYS B 155 -11.03 -14.56 7.15
CA LYS B 155 -12.43 -14.96 7.03
C LYS B 155 -13.27 -13.74 6.65
N GLU B 156 -12.73 -12.53 6.92
CA GLU B 156 -13.24 -11.28 6.36
C GLU B 156 -13.22 -11.29 4.83
N GLU B 157 -12.14 -11.83 4.22
CA GLU B 157 -11.85 -11.62 2.81
C GLU B 157 -12.34 -12.79 1.96
N ARG B 158 -12.97 -13.80 2.55
CA ARG B 158 -13.24 -15.06 1.84
C ARG B 158 -14.70 -15.45 2.02
N GLU B 159 -15.29 -15.92 0.92
CA GLU B 159 -16.69 -16.28 0.86
C GLU B 159 -17.01 -17.35 1.89
N THR B 160 -18.15 -17.15 2.58
CA THR B 160 -18.82 -18.16 3.40
C THR B 160 -18.68 -19.53 2.73
N PRO B 161 -18.02 -20.52 3.37
CA PRO B 161 -18.02 -21.89 2.84
C PRO B 161 -19.31 -22.68 3.13
N THR B 162 -20.03 -23.07 2.07
CA THR B 162 -21.27 -23.80 2.26
C THR B 162 -20.97 -25.30 2.43
N THR B 163 -21.53 -25.93 3.48
CA THR B 163 -21.17 -27.30 3.84
C THR B 163 -21.63 -28.32 2.79
N ASP B 164 -22.63 -28.00 1.96
CA ASP B 164 -23.06 -29.00 0.99
C ASP B 164 -22.11 -29.00 -0.22
N SER B 165 -21.21 -28.02 -0.31
CA SER B 165 -20.18 -28.00 -1.34
C SER B 165 -18.90 -28.68 -0.86
N MET B 166 -18.84 -29.08 0.42
CA MET B 166 -17.71 -29.84 0.95
C MET B 166 -17.86 -31.35 0.71
N PRO B 167 -16.76 -32.11 0.51
CA PRO B 167 -16.82 -33.56 0.56
C PRO B 167 -17.01 -34.07 1.99
N PRO B 168 -17.42 -35.35 2.17
CA PRO B 168 -17.81 -35.87 3.48
C PRO B 168 -16.84 -35.75 4.65
N LEU B 169 -15.57 -36.16 4.48
CA LEU B 169 -14.62 -36.15 5.58
C LEU B 169 -14.15 -34.73 5.88
N VAL B 170 -14.16 -33.88 4.86
CA VAL B 170 -13.89 -32.46 5.05
C VAL B 170 -14.97 -31.90 5.97
N ARG B 171 -16.24 -32.19 5.63
CA ARG B 171 -17.38 -31.67 6.37
C ARG B 171 -17.19 -31.99 7.86
N GLN B 172 -16.90 -33.26 8.17
CA GLN B 172 -16.69 -33.69 9.54
C GLN B 172 -15.61 -32.86 10.21
N ALA B 173 -14.44 -32.75 9.55
CA ALA B 173 -13.29 -32.11 10.14
C ALA B 173 -13.57 -30.62 10.40
N VAL B 174 -14.21 -29.94 9.43
CA VAL B 174 -14.49 -28.52 9.55
C VAL B 174 -15.56 -28.25 10.61
N GLU B 175 -16.63 -29.05 10.65
CA GLU B 175 -17.60 -28.99 11.73
C GLU B 175 -16.88 -29.01 13.07
N LEU B 176 -16.06 -30.04 13.26
CA LEU B 176 -15.32 -30.32 14.49
C LEU B 176 -14.46 -29.13 14.90
N LYS B 177 -13.63 -28.66 13.97
CA LYS B 177 -12.72 -27.55 14.23
C LYS B 177 -13.52 -26.33 14.66
N ASP B 178 -14.61 -26.05 13.94
CA ASP B 178 -15.38 -24.83 14.13
C ASP B 178 -16.27 -24.94 15.36
N HIS B 179 -15.97 -25.93 16.21
CA HIS B 179 -16.78 -26.24 17.38
C HIS B 179 -15.88 -26.45 18.60
N GLN B 180 -14.75 -27.12 18.41
CA GLN B 180 -13.85 -27.44 19.49
C GLN B 180 -12.88 -26.28 19.74
N GLY B 181 -12.77 -25.35 18.79
CA GLY B 181 -11.81 -24.25 18.91
C GLY B 181 -10.38 -24.67 18.55
N ALA B 182 -9.41 -23.90 19.06
CA ALA B 182 -8.00 -24.04 18.70
C ALA B 182 -7.20 -24.78 19.77
N GLU B 183 -7.50 -24.55 21.05
CA GLU B 183 -6.63 -25.03 22.11
C GLU B 183 -6.38 -26.52 21.93
N PRO B 184 -7.43 -27.36 21.79
CA PRO B 184 -7.24 -28.79 21.52
C PRO B 184 -6.19 -29.08 20.44
N ALA B 185 -6.33 -28.44 19.28
CA ALA B 185 -5.38 -28.67 18.21
C ALA B 185 -3.97 -28.37 18.71
N PHE B 186 -3.81 -27.26 19.43
CA PHE B 186 -2.50 -26.85 19.93
C PHE B 186 -1.97 -27.90 20.92
N LEU B 187 -2.80 -28.31 21.90
CA LEU B 187 -2.34 -29.17 22.98
C LEU B 187 -1.98 -30.55 22.44
N PHE B 188 -2.72 -30.97 21.40
CA PHE B 188 -2.53 -32.28 20.83
C PHE B 188 -1.13 -32.33 20.20
N GLY B 189 -0.91 -31.50 19.18
CA GLY B 189 0.43 -31.36 18.66
C GLY B 189 1.46 -31.23 19.78
N LEU B 190 1.17 -30.43 20.82
CA LEU B 190 2.16 -30.22 21.88
C LEU B 190 2.57 -31.55 22.49
N GLU B 191 1.59 -32.44 22.72
CA GLU B 191 1.83 -33.71 23.36
C GLU B 191 2.63 -34.66 22.46
N LEU B 192 2.43 -34.57 21.14
CA LEU B 192 3.14 -35.40 20.17
C LEU B 192 4.63 -35.05 20.16
N ILE B 193 4.97 -33.83 20.58
CA ILE B 193 6.38 -33.44 20.61
C ILE B 193 6.97 -33.95 21.91
N ILE B 194 6.30 -33.60 23.02
CA ILE B 194 6.79 -33.99 24.32
C ILE B 194 6.87 -35.51 24.35
N ALA B 195 5.83 -36.21 23.88
CA ALA B 195 5.87 -37.67 23.80
C ALA B 195 7.02 -38.19 22.94
N GLY B 196 7.31 -37.52 21.81
CA GLY B 196 8.40 -37.96 20.96
C GLY B 196 9.77 -37.66 21.57
N LEU B 197 9.85 -36.79 22.58
CA LEU B 197 11.12 -36.49 23.21
C LEU B 197 11.44 -37.52 24.30
N GLU B 198 10.43 -37.85 25.12
CA GLU B 198 10.53 -38.98 26.03
C GLU B 198 11.06 -40.19 25.27
N LYS B 199 10.58 -40.40 24.04
CA LYS B 199 11.02 -41.54 23.25
C LYS B 199 12.38 -41.33 22.58
N GLN B 200 12.95 -40.11 22.62
CA GLN B 200 14.27 -39.87 22.04
C GLN B 200 15.33 -39.94 23.13
N LEU B 201 14.98 -39.48 24.35
CA LEU B 201 15.83 -39.58 25.51
C LEU B 201 15.93 -41.04 25.95
N LYS B 202 14.81 -41.77 25.90
CA LYS B 202 14.76 -43.19 26.22
C LYS B 202 15.27 -44.06 25.06
N CYS B 203 15.98 -43.46 24.09
CA CYS B 203 16.64 -44.21 23.03
C CYS B 203 18.04 -43.63 22.81
N GLU B 204 18.69 -43.27 23.93
CA GLU B 204 20.09 -42.84 23.92
C GLU B 204 20.76 -43.28 25.22
N SER B 205 20.10 -42.98 26.35
CA SER B 205 20.52 -43.48 27.65
C SER B 205 19.72 -44.74 28.00
N ASP C 5 -27.76 -2.24 -5.01
CA ASP C 5 -28.07 -1.08 -5.90
C ASP C 5 -26.86 -0.15 -6.00
N LYS C 6 -26.48 0.22 -7.22
CA LYS C 6 -25.32 1.07 -7.42
C LYS C 6 -25.58 2.41 -6.73
N SER C 7 -26.85 2.79 -6.63
CA SER C 7 -27.28 3.97 -5.91
C SER C 7 -26.78 3.99 -4.48
N LYS C 8 -26.92 2.86 -3.75
CA LYS C 8 -26.54 2.79 -2.33
C LYS C 8 -25.01 2.85 -2.18
N VAL C 9 -24.31 2.16 -3.08
CA VAL C 9 -22.86 2.17 -3.13
C VAL C 9 -22.31 3.60 -3.26
N ILE C 10 -22.66 4.27 -4.37
CA ILE C 10 -22.11 5.59 -4.68
C ILE C 10 -22.36 6.50 -3.49
N ASN C 11 -23.60 6.48 -3.01
CA ASN C 11 -24.04 7.34 -1.92
C ASN C 11 -23.14 7.14 -0.70
N SER C 12 -22.85 5.87 -0.38
CA SER C 12 -22.09 5.53 0.82
C SER C 12 -20.60 5.78 0.59
N ALA C 13 -20.14 5.51 -0.64
CA ALA C 13 -18.77 5.77 -1.04
C ALA C 13 -18.39 7.26 -0.87
N LEU C 14 -19.35 8.17 -1.05
CA LEU C 14 -19.12 9.61 -0.94
C LEU C 14 -19.14 10.05 0.52
N GLU C 15 -20.07 9.53 1.29
CA GLU C 15 -20.03 9.74 2.73
C GLU C 15 -18.62 9.42 3.25
N LEU C 16 -18.15 8.22 2.90
CA LEU C 16 -16.89 7.70 3.42
C LEU C 16 -15.71 8.53 2.90
N LEU C 17 -15.88 9.12 1.72
CA LEU C 17 -14.83 9.96 1.16
C LEU C 17 -14.51 11.11 2.12
N ASN C 18 -15.55 11.60 2.79
CA ASN C 18 -15.38 12.73 3.67
C ASN C 18 -14.71 12.24 4.96
N GLU C 19 -15.07 11.05 5.39
CA GLU C 19 -14.57 10.52 6.65
C GLU C 19 -13.06 10.36 6.57
N VAL C 20 -12.56 9.84 5.44
CA VAL C 20 -11.19 9.32 5.39
C VAL C 20 -10.40 9.75 4.15
N GLY C 21 -11.03 10.41 3.16
CA GLY C 21 -10.30 10.87 2.00
C GLY C 21 -10.08 9.73 1.02
N ILE C 22 -9.34 10.00 -0.06
CA ILE C 22 -9.35 9.12 -1.21
C ILE C 22 -8.43 7.93 -1.00
N GLU C 23 -7.28 8.14 -0.35
CA GLU C 23 -6.30 7.09 -0.14
C GLU C 23 -6.83 6.01 0.79
N GLY C 24 -7.80 6.36 1.64
CA GLY C 24 -8.31 5.40 2.61
C GLY C 24 -9.71 4.92 2.25
N LEU C 25 -10.11 5.11 0.98
CA LEU C 25 -11.38 4.60 0.48
C LEU C 25 -11.19 3.12 0.13
N THR C 26 -10.72 2.34 1.13
CA THR C 26 -10.40 0.93 0.95
C THR C 26 -11.70 0.15 0.84
N THR C 27 -11.59 -1.13 0.45
CA THR C 27 -12.77 -1.97 0.25
C THR C 27 -13.23 -2.49 1.61
N ARG C 28 -12.29 -2.67 2.55
CA ARG C 28 -12.64 -3.02 3.92
C ARG C 28 -13.59 -1.97 4.49
N LYS C 29 -13.17 -0.69 4.41
CA LYS C 29 -13.93 0.39 5.02
C LYS C 29 -15.28 0.55 4.31
N LEU C 30 -15.30 0.39 2.98
CA LEU C 30 -16.52 0.61 2.22
C LEU C 30 -17.58 -0.35 2.76
N ALA C 31 -17.27 -1.65 2.74
CA ALA C 31 -18.17 -2.70 3.19
C ALA C 31 -18.57 -2.47 4.65
N GLN C 32 -17.62 -1.98 5.45
CA GLN C 32 -17.90 -1.66 6.84
C GLN C 32 -19.08 -0.70 6.92
N LYS C 33 -19.01 0.41 6.17
CA LYS C 33 -20.06 1.43 6.18
C LYS C 33 -21.39 0.91 5.60
N LEU C 34 -21.31 0.12 4.52
CA LEU C 34 -22.49 -0.38 3.81
C LEU C 34 -23.28 -1.38 4.66
N GLY C 35 -22.61 -2.05 5.61
CA GLY C 35 -23.27 -3.01 6.49
C GLY C 35 -23.36 -4.41 5.88
N VAL C 36 -22.65 -4.64 4.76
CA VAL C 36 -22.59 -5.95 4.13
C VAL C 36 -21.19 -6.53 4.33
N GLU C 37 -21.01 -7.79 3.93
CA GLU C 37 -19.74 -8.48 4.07
C GLU C 37 -18.86 -8.28 2.82
N GLN C 38 -17.54 -8.33 3.05
CA GLN C 38 -16.55 -7.87 2.08
C GLN C 38 -16.72 -8.58 0.74
N PRO C 39 -16.89 -9.92 0.71
CA PRO C 39 -17.18 -10.64 -0.54
C PRO C 39 -18.41 -10.18 -1.31
N THR C 40 -19.53 -9.96 -0.61
CA THR C 40 -20.74 -9.50 -1.29
C THR C 40 -20.45 -8.23 -2.10
N LEU C 41 -19.50 -7.41 -1.62
CA LEU C 41 -19.29 -6.07 -2.14
C LEU C 41 -18.51 -6.13 -3.46
N TYR C 42 -17.52 -7.04 -3.51
CA TYR C 42 -16.72 -7.21 -4.69
C TYR C 42 -17.59 -7.77 -5.82
N TRP C 43 -18.85 -8.12 -5.56
CA TRP C 43 -19.75 -8.30 -6.69
C TRP C 43 -20.19 -6.93 -7.20
N HIS C 44 -20.98 -6.23 -6.41
CA HIS C 44 -21.67 -5.03 -6.84
C HIS C 44 -20.65 -4.02 -7.40
N VAL C 45 -19.74 -3.53 -6.54
CA VAL C 45 -18.64 -2.69 -6.99
C VAL C 45 -17.91 -3.46 -8.08
N LYS C 46 -17.62 -2.81 -9.22
CA LYS C 46 -16.82 -3.37 -10.30
C LYS C 46 -15.35 -3.33 -9.91
N ASN C 47 -14.84 -2.09 -9.68
CA ASN C 47 -13.45 -1.81 -9.31
C ASN C 47 -13.35 -0.35 -8.88
N LYS C 48 -12.16 0.06 -8.44
CA LYS C 48 -12.02 1.32 -7.73
C LYS C 48 -12.10 2.52 -8.66
N ARG C 49 -11.60 2.38 -9.90
CA ARG C 49 -11.65 3.48 -10.85
C ARG C 49 -13.10 3.68 -11.29
N ALA C 50 -13.78 2.55 -11.52
CA ALA C 50 -15.19 2.52 -11.90
C ALA C 50 -16.03 3.22 -10.85
N LEU C 51 -15.65 3.10 -9.59
CA LEU C 51 -16.39 3.70 -8.49
C LEU C 51 -16.15 5.21 -8.48
N LEU C 52 -14.87 5.61 -8.66
CA LEU C 52 -14.49 7.02 -8.63
C LEU C 52 -15.16 7.78 -9.78
N ASP C 53 -15.39 7.10 -10.91
CA ASP C 53 -15.99 7.70 -12.09
C ASP C 53 -17.50 7.88 -11.92
N ALA C 54 -18.11 6.98 -11.14
CA ALA C 54 -19.52 7.06 -10.77
C ALA C 54 -19.69 8.10 -9.67
N MET C 55 -18.68 8.17 -8.79
CA MET C 55 -18.69 9.17 -7.74
C MET C 55 -18.55 10.55 -8.35
N ALA C 56 -17.79 10.63 -9.45
CA ALA C 56 -17.48 11.91 -10.05
C ALA C 56 -18.72 12.51 -10.72
N ILE C 57 -19.39 11.73 -11.59
CA ILE C 57 -20.58 12.24 -12.24
C ILE C 57 -21.63 12.64 -11.19
N GLU C 58 -21.72 11.90 -10.06
CA GLU C 58 -22.60 12.28 -8.96
C GLU C 58 -22.22 13.65 -8.40
N MET C 59 -20.93 13.87 -8.07
CA MET C 59 -20.51 15.16 -7.52
C MET C 59 -20.93 16.30 -8.44
N LEU C 60 -20.76 16.10 -9.75
CA LEU C 60 -20.92 17.21 -10.68
C LEU C 60 -22.39 17.46 -11.00
N ASP C 61 -23.25 16.44 -10.90
CA ASP C 61 -24.67 16.62 -11.17
C ASP C 61 -25.35 17.31 -9.99
N ARG C 62 -24.89 17.02 -8.77
CA ARG C 62 -25.49 17.60 -7.58
C ARG C 62 -25.39 19.12 -7.62
N HIS C 63 -24.38 19.67 -8.32
CA HIS C 63 -24.18 21.12 -8.36
C HIS C 63 -24.39 21.67 -9.77
N ALA C 64 -25.39 21.15 -10.48
CA ALA C 64 -25.53 21.39 -11.91
C ALA C 64 -26.77 22.21 -12.28
N THR C 65 -27.48 22.80 -11.31
CA THR C 65 -28.84 23.29 -11.57
C THR C 65 -29.00 23.80 -13.01
N HIS C 66 -30.14 23.40 -13.58
CA HIS C 66 -30.36 23.11 -14.98
C HIS C 66 -31.02 24.31 -15.66
N TYR C 67 -30.23 25.37 -15.90
CA TYR C 67 -30.78 26.66 -16.27
C TYR C 67 -31.18 26.64 -17.75
N SER C 68 -32.32 27.27 -18.08
CA SER C 68 -32.71 27.47 -19.47
C SER C 68 -33.85 28.48 -19.58
N PRO C 69 -33.55 29.80 -19.74
CA PRO C 69 -34.59 30.82 -19.95
C PRO C 69 -35.08 30.95 -21.40
N LEU C 70 -35.93 31.96 -21.67
CA LEU C 70 -36.38 32.27 -23.02
C LEU C 70 -35.26 32.92 -23.84
N GLU C 71 -34.49 33.80 -23.18
CA GLU C 71 -33.27 34.36 -23.74
C GLU C 71 -32.19 33.27 -23.76
N ARG C 72 -31.83 32.84 -24.98
CA ARG C 72 -31.04 31.66 -25.26
C ARG C 72 -29.62 31.74 -24.71
N GLU C 73 -29.18 32.87 -24.13
CA GLU C 73 -28.05 32.90 -23.20
C GLU C 73 -26.71 32.80 -23.94
N SER C 74 -25.75 33.65 -23.54
CA SER C 74 -24.49 33.79 -24.25
C SER C 74 -23.49 32.68 -23.87
N TRP C 75 -22.55 32.39 -24.78
CA TRP C 75 -21.52 31.41 -24.49
C TRP C 75 -20.65 31.85 -23.31
N GLN C 76 -20.36 33.15 -23.21
CA GLN C 76 -19.58 33.65 -22.09
C GLN C 76 -20.25 33.31 -20.77
N ASN C 77 -21.55 33.59 -20.67
CA ASN C 77 -22.24 33.40 -19.40
C ASN C 77 -22.32 31.92 -19.08
N PHE C 78 -22.41 31.10 -20.11
CA PHE C 78 -22.51 29.66 -19.94
C PHE C 78 -21.19 29.04 -19.49
N LEU C 79 -20.06 29.57 -19.98
CA LEU C 79 -18.73 29.10 -19.60
C LEU C 79 -18.43 29.48 -18.15
N ARG C 80 -18.76 30.73 -17.76
CA ARG C 80 -18.63 31.19 -16.38
C ARG C 80 -19.45 30.37 -15.40
N ASN C 81 -20.66 29.99 -15.80
CA ASN C 81 -21.57 29.29 -14.91
C ASN C 81 -21.10 27.85 -14.75
N ASN C 82 -20.64 27.24 -15.84
CA ASN C 82 -20.22 25.86 -15.70
C ASN C 82 -19.08 25.79 -14.69
N ALA C 83 -18.06 26.64 -14.90
CA ALA C 83 -16.87 26.67 -14.07
C ALA C 83 -17.21 26.92 -12.60
N LYS C 84 -18.02 27.93 -12.27
CA LYS C 84 -18.34 28.14 -10.86
C LYS C 84 -19.08 26.90 -10.31
N SER C 85 -20.04 26.37 -11.05
CA SER C 85 -20.75 25.15 -10.68
C SER C 85 -19.76 24.01 -10.41
N MET C 86 -18.77 23.88 -11.32
CA MET C 86 -17.75 22.86 -11.21
C MET C 86 -16.98 23.05 -9.89
N ARG C 87 -16.41 24.26 -9.70
CA ARG C 87 -15.63 24.58 -8.52
C ARG C 87 -16.40 24.23 -7.24
N ASN C 88 -17.69 24.55 -7.21
CA ASN C 88 -18.56 24.23 -6.07
C ASN C 88 -18.57 22.73 -5.80
N ALA C 89 -18.83 21.93 -6.84
CA ALA C 89 -18.89 20.48 -6.70
C ALA C 89 -17.60 19.99 -6.05
N LEU C 90 -16.46 20.41 -6.61
CA LEU C 90 -15.16 19.97 -6.12
C LEU C 90 -14.96 20.35 -4.65
N LEU C 91 -15.27 21.60 -4.29
CA LEU C 91 -15.03 22.10 -2.93
C LEU C 91 -15.95 21.45 -1.89
N SER C 92 -17.08 20.88 -2.31
CA SER C 92 -18.05 20.31 -1.38
C SER C 92 -17.73 18.87 -0.95
N HIS C 93 -16.54 18.34 -1.29
CA HIS C 93 -16.19 16.97 -0.95
C HIS C 93 -14.68 16.87 -0.76
N ARG C 94 -14.24 16.20 0.33
CA ARG C 94 -12.82 15.98 0.53
C ARG C 94 -12.25 15.36 -0.75
N ASP C 95 -11.10 15.84 -1.20
CA ASP C 95 -10.38 15.23 -2.30
C ASP C 95 -11.26 15.18 -3.56
N GLY C 96 -12.11 16.19 -3.75
CA GLY C 96 -13.09 16.25 -4.82
C GLY C 96 -12.43 16.46 -6.19
N ALA C 97 -11.51 17.44 -6.22
CA ALA C 97 -10.70 17.64 -7.40
C ALA C 97 -9.93 16.37 -7.74
N LYS C 98 -9.33 15.73 -6.72
CA LYS C 98 -8.61 14.47 -6.94
C LYS C 98 -9.53 13.41 -7.56
N VAL C 99 -10.77 13.27 -7.05
CA VAL C 99 -11.71 12.23 -7.50
C VAL C 99 -12.08 12.47 -8.97
N CYS C 100 -12.29 13.74 -9.34
CA CYS C 100 -12.87 14.13 -10.63
C CYS C 100 -11.85 14.29 -11.76
N LEU C 101 -10.56 14.39 -11.43
CA LEU C 101 -9.52 14.64 -12.42
C LEU C 101 -9.58 13.55 -13.48
N GLY C 102 -9.71 14.00 -14.73
CA GLY C 102 -9.63 13.13 -15.89
C GLY C 102 -10.92 12.37 -16.16
N THR C 103 -12.06 12.79 -15.58
CA THR C 103 -13.32 12.10 -15.84
C THR C 103 -14.09 12.76 -17.00
N GLY C 104 -13.52 13.76 -17.67
CA GLY C 104 -14.24 14.65 -18.56
C GLY C 104 -14.87 13.96 -19.76
N PHE C 105 -14.27 12.82 -20.19
CA PHE C 105 -14.69 12.07 -21.36
C PHE C 105 -14.82 10.60 -20.97
N THR C 106 -15.32 10.38 -19.76
CA THR C 106 -15.81 9.08 -19.36
C THR C 106 -17.18 8.87 -20.00
N GLU C 107 -17.61 7.60 -20.07
CA GLU C 107 -18.90 7.25 -20.66
C GLU C 107 -20.02 8.00 -19.93
N GLN C 108 -19.90 8.12 -18.60
CA GLN C 108 -20.94 8.68 -17.76
C GLN C 108 -21.12 10.19 -17.99
N GLN C 109 -20.22 10.84 -18.76
CA GLN C 109 -20.32 12.27 -19.02
C GLN C 109 -20.43 12.56 -20.52
N TYR C 110 -20.73 11.54 -21.35
CA TYR C 110 -20.95 11.74 -22.78
C TYR C 110 -22.16 12.67 -23.05
N GLU C 111 -23.28 12.41 -22.38
CA GLU C 111 -24.46 13.29 -22.37
C GLU C 111 -24.06 14.75 -22.15
N THR C 112 -23.33 15.02 -21.05
CA THR C 112 -22.91 16.37 -20.69
C THR C 112 -22.06 16.97 -21.80
N ALA C 113 -21.01 16.25 -22.18
CA ALA C 113 -20.02 16.74 -23.12
C ALA C 113 -20.64 17.03 -24.49
N GLU C 114 -21.73 16.33 -24.82
CA GLU C 114 -22.44 16.57 -26.07
C GLU C 114 -23.17 17.91 -26.02
N ASN C 115 -23.91 18.17 -24.92
CA ASN C 115 -24.66 19.42 -24.79
C ASN C 115 -23.70 20.60 -24.76
N SER C 116 -22.49 20.45 -24.20
CA SER C 116 -21.54 21.55 -24.14
C SER C 116 -20.96 21.86 -25.51
N LEU C 117 -20.44 20.83 -26.17
CA LEU C 117 -19.87 20.96 -27.51
C LEU C 117 -20.94 21.43 -28.49
N ALA C 118 -22.16 20.89 -28.38
CA ALA C 118 -23.30 21.33 -29.16
C ALA C 118 -23.46 22.85 -29.06
N PHE C 119 -23.65 23.33 -27.83
CA PHE C 119 -23.94 24.73 -27.62
C PHE C 119 -22.80 25.59 -28.14
N LEU C 120 -21.55 25.21 -27.85
CA LEU C 120 -20.44 26.04 -28.25
C LEU C 120 -20.37 26.12 -29.77
N THR C 121 -20.67 25.00 -30.47
CA THR C 121 -20.55 24.97 -31.93
C THR C 121 -21.73 25.68 -32.59
N GLN C 122 -22.92 25.59 -31.97
CA GLN C 122 -24.11 26.29 -32.45
C GLN C 122 -24.02 27.79 -32.23
N GLN C 123 -22.92 28.30 -31.68
CA GLN C 123 -22.69 29.74 -31.59
C GLN C 123 -21.46 30.14 -32.39
N GLY C 124 -21.00 29.27 -33.30
CA GLY C 124 -19.99 29.66 -34.28
C GLY C 124 -18.58 29.26 -33.88
N PHE C 125 -18.43 28.48 -32.79
CA PHE C 125 -17.16 27.84 -32.47
C PHE C 125 -16.96 26.62 -33.36
N SER C 126 -15.78 26.52 -33.99
CA SER C 126 -15.38 25.25 -34.57
C SER C 126 -15.40 24.18 -33.47
N LEU C 127 -15.45 22.90 -33.86
CA LEU C 127 -15.37 21.84 -32.86
C LEU C 127 -14.03 21.95 -32.13
N GLU C 128 -12.95 22.10 -32.87
CA GLU C 128 -11.63 22.14 -32.28
C GLU C 128 -11.55 23.20 -31.18
N ASN C 129 -11.90 24.44 -31.50
CA ASN C 129 -11.82 25.49 -30.50
C ASN C 129 -12.77 25.21 -29.33
N ALA C 130 -13.94 24.62 -29.63
CA ALA C 130 -14.92 24.35 -28.61
C ALA C 130 -14.37 23.36 -27.58
N LEU C 131 -13.66 22.33 -28.07
CA LEU C 131 -13.03 21.33 -27.22
C LEU C 131 -11.92 21.94 -26.37
N TYR C 132 -11.06 22.76 -26.97
CA TYR C 132 -9.93 23.34 -26.27
C TYR C 132 -10.41 24.37 -25.27
N ALA C 133 -11.61 24.93 -25.51
CA ALA C 133 -12.15 25.93 -24.60
C ALA C 133 -12.77 25.25 -23.38
N MET C 134 -13.57 24.20 -23.60
CA MET C 134 -14.04 23.37 -22.50
C MET C 134 -12.88 22.93 -21.63
N GLN C 135 -11.88 22.31 -22.29
CA GLN C 135 -10.76 21.65 -21.63
C GLN C 135 -9.93 22.67 -20.84
N ALA C 136 -9.78 23.89 -21.38
CA ALA C 136 -8.94 24.91 -20.77
C ALA C 136 -9.55 25.40 -19.46
N VAL C 137 -10.88 25.48 -19.43
CA VAL C 137 -11.63 26.03 -18.31
C VAL C 137 -11.75 25.00 -17.19
N GLY C 138 -11.99 23.74 -17.56
CA GLY C 138 -12.13 22.65 -16.61
C GLY C 138 -10.87 22.42 -15.77
N ILE C 139 -9.70 22.42 -16.42
CA ILE C 139 -8.45 22.11 -15.76
C ILE C 139 -7.93 23.36 -15.03
N TYR C 140 -8.18 24.56 -15.59
CA TYR C 140 -7.92 25.74 -14.79
C TYR C 140 -8.72 25.58 -13.50
N THR C 141 -10.03 25.39 -13.64
CA THR C 141 -10.95 25.43 -12.51
C THR C 141 -10.51 24.37 -11.52
N LEU C 142 -10.23 23.16 -12.05
CA LEU C 142 -9.87 22.03 -11.22
C LEU C 142 -8.51 22.21 -10.54
N GLY C 143 -7.53 22.74 -11.27
CA GLY C 143 -6.21 23.02 -10.73
C GLY C 143 -6.28 24.00 -9.55
N CYS C 144 -7.06 25.06 -9.71
CA CYS C 144 -7.18 26.04 -8.65
C CYS C 144 -7.59 25.34 -7.36
N VAL C 145 -8.54 24.39 -7.44
CA VAL C 145 -9.06 23.73 -6.26
C VAL C 145 -7.98 22.80 -5.69
N LEU C 146 -7.30 22.01 -6.54
CA LEU C 146 -6.18 21.20 -6.08
C LEU C 146 -5.23 22.05 -5.23
N LEU C 147 -4.81 23.19 -5.75
CA LEU C 147 -3.83 24.04 -5.08
C LEU C 147 -4.34 24.47 -3.71
N ASP C 148 -5.59 24.95 -3.64
CA ASP C 148 -6.23 25.39 -2.40
C ASP C 148 -6.18 24.30 -1.33
N GLN C 149 -6.59 23.06 -1.69
CA GLN C 149 -6.54 21.92 -0.81
C GLN C 149 -5.12 21.74 -0.27
N GLU C 150 -4.13 21.80 -1.17
CA GLU C 150 -2.76 21.41 -0.88
C GLU C 150 -2.05 22.48 -0.05
N LEU C 151 -2.33 23.76 -0.32
CA LEU C 151 -1.83 24.86 0.51
C LEU C 151 -2.32 24.76 1.96
N GLN C 152 -3.37 24.01 2.26
CA GLN C 152 -3.89 24.01 3.61
C GLN C 152 -3.24 22.91 4.45
N VAL C 153 -3.08 21.71 3.89
CA VAL C 153 -2.42 20.62 4.59
C VAL C 153 -0.95 21.03 4.79
N ALA C 154 -0.34 21.65 3.77
CA ALA C 154 1.09 21.92 3.80
C ALA C 154 1.40 22.97 4.86
N LYS C 155 0.46 23.89 5.09
CA LYS C 155 0.68 24.93 6.07
C LYS C 155 1.05 24.25 7.39
N GLU C 156 0.32 23.18 7.74
CA GLU C 156 0.47 22.51 9.02
C GLU C 156 1.62 21.50 9.01
N GLU C 157 2.40 21.42 7.93
CA GLU C 157 3.53 20.50 7.79
C GLU C 157 4.88 21.21 7.63
N ARG C 158 4.86 22.55 7.61
CA ARG C 158 6.04 23.42 7.73
C ARG C 158 5.84 24.39 8.90
N GLU C 159 6.96 24.95 9.40
CA GLU C 159 6.93 26.10 10.27
C GLU C 159 6.41 27.31 9.51
N THR C 160 5.86 28.31 10.23
CA THR C 160 5.36 29.55 9.64
C THR C 160 6.54 30.40 9.16
N PRO C 161 6.66 30.71 7.86
CA PRO C 161 7.71 31.63 7.42
C PRO C 161 7.66 32.90 8.26
N THR C 162 8.84 33.44 8.61
CA THR C 162 8.91 34.66 9.39
C THR C 162 8.82 35.86 8.43
N THR C 163 8.25 36.97 8.91
CA THR C 163 7.90 38.11 8.08
C THR C 163 9.18 38.75 7.51
N ASP C 164 10.23 38.79 8.34
CA ASP C 164 11.52 39.31 7.91
C ASP C 164 12.00 38.48 6.72
N SER C 165 12.59 37.30 6.98
CA SER C 165 13.02 36.34 5.97
C SER C 165 12.67 36.73 4.53
N MET C 166 11.41 37.08 4.28
CA MET C 166 10.89 37.28 2.92
C MET C 166 11.44 38.57 2.28
N PRO C 167 11.75 38.55 0.95
CA PRO C 167 11.95 39.79 0.20
C PRO C 167 10.73 40.71 0.35
N PRO C 168 10.78 41.97 -0.15
CA PRO C 168 9.70 42.93 0.06
C PRO C 168 8.44 42.76 -0.79
N LEU C 169 8.59 42.40 -2.08
CA LEU C 169 7.45 42.19 -2.97
C LEU C 169 6.71 40.90 -2.60
N VAL C 170 7.48 39.89 -2.21
CA VAL C 170 6.96 38.59 -1.82
C VAL C 170 6.15 38.74 -0.53
N ARG C 171 6.70 39.46 0.44
CA ARG C 171 6.00 39.72 1.69
C ARG C 171 4.64 40.35 1.42
N GLN C 172 4.58 41.35 0.51
CA GLN C 172 3.35 42.04 0.14
C GLN C 172 2.35 41.07 -0.50
N ALA C 173 2.81 40.35 -1.54
CA ALA C 173 2.02 39.41 -2.32
C ALA C 173 1.51 38.24 -1.47
N VAL C 174 2.35 37.70 -0.59
CA VAL C 174 1.93 36.66 0.36
C VAL C 174 0.83 37.19 1.29
N GLU C 175 1.03 38.40 1.84
CA GLU C 175 0.10 38.97 2.81
C GLU C 175 -1.24 39.30 2.15
N LEU C 176 -1.24 39.53 0.84
CA LEU C 176 -2.44 39.87 0.11
C LEU C 176 -3.33 38.64 -0.12
N LYS C 177 -2.71 37.46 -0.25
CA LYS C 177 -3.44 36.27 -0.63
C LYS C 177 -4.26 35.81 0.56
N ASP C 178 -3.61 35.63 1.73
CA ASP C 178 -4.28 35.03 2.87
C ASP C 178 -5.06 36.09 3.63
N HIS C 179 -5.03 37.33 3.17
CA HIS C 179 -6.06 38.27 3.54
C HIS C 179 -7.30 38.01 2.67
N GLN C 180 -7.13 38.17 1.36
CA GLN C 180 -8.28 38.26 0.48
C GLN C 180 -8.68 36.86 -0.02
N GLY C 181 -8.04 35.80 0.50
CA GLY C 181 -8.50 34.44 0.27
C GLY C 181 -8.33 33.96 -1.19
N ALA C 182 -8.83 32.75 -1.46
CA ALA C 182 -8.49 32.03 -2.67
C ALA C 182 -9.29 32.47 -3.90
N GLU C 183 -10.45 33.13 -3.69
CA GLU C 183 -11.45 33.16 -4.75
C GLU C 183 -11.22 34.32 -5.72
N PRO C 184 -10.73 35.50 -5.28
CA PRO C 184 -10.34 36.53 -6.24
C PRO C 184 -9.41 36.02 -7.34
N ALA C 185 -8.36 35.28 -6.97
CA ALA C 185 -7.44 34.67 -7.92
C ALA C 185 -8.17 33.82 -8.96
N PHE C 186 -9.04 32.92 -8.52
CA PHE C 186 -9.77 32.04 -9.44
C PHE C 186 -10.48 32.87 -10.51
N LEU C 187 -11.41 33.74 -10.04
CA LEU C 187 -12.23 34.57 -10.91
C LEU C 187 -11.37 35.46 -11.82
N PHE C 188 -10.27 35.99 -11.29
CA PHE C 188 -9.33 36.76 -12.07
C PHE C 188 -8.87 35.94 -13.28
N GLY C 189 -8.31 34.77 -13.03
CA GLY C 189 -7.89 33.87 -14.09
C GLY C 189 -9.03 33.32 -14.93
N LEU C 190 -10.25 33.27 -14.38
CA LEU C 190 -11.41 32.82 -15.14
C LEU C 190 -11.78 33.82 -16.24
N GLU C 191 -11.84 35.10 -15.85
CA GLU C 191 -12.11 36.18 -16.79
C GLU C 191 -11.00 36.31 -17.83
N LEU C 192 -9.77 35.83 -17.52
CA LEU C 192 -8.64 35.93 -18.44
C LEU C 192 -8.87 34.99 -19.64
N ILE C 193 -9.32 33.77 -19.37
CA ILE C 193 -9.55 32.79 -20.42
C ILE C 193 -10.70 33.24 -21.32
N ILE C 194 -11.74 33.81 -20.71
CA ILE C 194 -12.96 34.11 -21.43
C ILE C 194 -12.67 35.24 -22.41
N ALA C 195 -11.93 36.25 -21.94
CA ALA C 195 -11.59 37.39 -22.78
C ALA C 195 -10.68 36.92 -23.90
N GLY C 196 -9.72 36.05 -23.57
CA GLY C 196 -8.94 35.39 -24.60
C GLY C 196 -9.83 34.83 -25.72
N LEU C 197 -10.96 34.20 -25.37
CA LEU C 197 -11.77 33.50 -26.37
C LEU C 197 -12.51 34.47 -27.32
N GLU C 198 -12.79 35.68 -26.83
CA GLU C 198 -13.54 36.67 -27.60
C GLU C 198 -12.79 37.03 -28.88
N LYS C 199 -11.47 37.24 -28.79
CA LYS C 199 -10.64 37.37 -29.98
C LYS C 199 -9.71 36.15 -30.10
N ARG D 3 30.57 10.10 3.32
CA ARG D 3 30.06 11.40 3.84
C ARG D 3 29.01 11.96 2.89
N LEU D 4 27.81 12.32 3.40
CA LEU D 4 26.81 12.86 2.49
C LEU D 4 26.47 14.34 2.80
N ASP D 5 26.49 15.13 1.71
CA ASP D 5 25.96 16.48 1.64
C ASP D 5 24.54 16.44 1.07
N LYS D 6 23.87 17.60 1.09
CA LYS D 6 22.47 17.67 0.69
C LYS D 6 22.37 17.42 -0.81
N SER D 7 23.33 17.97 -1.54
CA SER D 7 23.41 17.69 -2.97
C SER D 7 23.10 16.21 -3.23
N LYS D 8 23.71 15.32 -2.43
CA LYS D 8 23.61 13.89 -2.72
C LYS D 8 22.23 13.33 -2.31
N VAL D 9 21.74 13.73 -1.12
CA VAL D 9 20.42 13.36 -0.66
C VAL D 9 19.38 13.55 -1.77
N ILE D 10 19.40 14.73 -2.40
CA ILE D 10 18.34 15.17 -3.29
C ILE D 10 18.45 14.45 -4.63
N ASN D 11 19.65 14.38 -5.18
CA ASN D 11 19.71 13.91 -6.55
C ASN D 11 19.45 12.39 -6.49
N SER D 12 19.57 11.78 -5.32
CA SER D 12 19.24 10.37 -5.16
C SER D 12 17.75 10.14 -4.91
N ALA D 13 17.05 11.09 -4.27
CA ALA D 13 15.62 10.99 -4.00
C ALA D 13 14.81 11.27 -5.25
N LEU D 14 15.32 12.10 -6.16
CA LEU D 14 14.71 12.23 -7.47
C LEU D 14 14.77 10.88 -8.23
N GLU D 15 15.81 10.08 -7.97
CA GLU D 15 15.96 8.79 -8.64
C GLU D 15 14.94 7.81 -8.07
N LEU D 16 14.75 7.87 -6.75
CA LEU D 16 13.74 7.05 -6.11
C LEU D 16 12.35 7.48 -6.57
N LEU D 17 12.16 8.78 -6.77
CA LEU D 17 10.89 9.32 -7.26
C LEU D 17 10.47 8.58 -8.52
N ASN D 18 11.41 8.29 -9.43
CA ASN D 18 11.10 7.66 -10.71
C ASN D 18 10.82 6.18 -10.54
N GLU D 19 11.50 5.51 -9.60
CA GLU D 19 11.32 4.08 -9.41
C GLU D 19 9.93 3.77 -8.86
N VAL D 20 9.38 4.65 -8.01
CA VAL D 20 8.25 4.23 -7.19
C VAL D 20 7.25 5.36 -6.90
N GLY D 21 7.37 6.52 -7.56
CA GLY D 21 6.37 7.58 -7.49
C GLY D 21 6.19 8.18 -6.09
N ILE D 22 5.40 9.25 -6.03
CA ILE D 22 5.38 10.11 -4.87
C ILE D 22 4.74 9.43 -3.67
N GLU D 23 3.66 8.67 -3.89
CA GLU D 23 2.93 8.04 -2.80
C GLU D 23 3.80 6.99 -2.10
N GLY D 24 4.71 6.34 -2.83
CA GLY D 24 5.54 5.33 -2.22
C GLY D 24 6.97 5.83 -2.03
N LEU D 25 7.07 7.12 -1.62
CA LEU D 25 8.33 7.77 -1.27
C LEU D 25 8.33 8.10 0.23
N THR D 26 9.42 7.73 0.93
CA THR D 26 9.51 7.93 2.36
C THR D 26 10.97 8.17 2.73
N THR D 27 11.19 8.96 3.77
CA THR D 27 12.54 9.16 4.27
C THR D 27 13.14 7.82 4.69
N ARG D 28 12.31 6.86 5.13
CA ARG D 28 12.79 5.54 5.47
C ARG D 28 13.51 4.90 4.28
N LYS D 29 12.83 4.82 3.13
CA LYS D 29 13.37 4.13 1.98
C LYS D 29 14.58 4.87 1.42
N LEU D 30 14.50 6.20 1.39
CA LEU D 30 15.62 7.02 0.92
C LEU D 30 16.88 6.71 1.74
N ALA D 31 16.72 6.64 3.08
CA ALA D 31 17.80 6.22 3.95
C ALA D 31 18.33 4.86 3.54
N GLN D 32 17.40 3.92 3.28
CA GLN D 32 17.75 2.58 2.82
C GLN D 32 18.49 2.62 1.49
N LYS D 33 18.09 3.47 0.55
CA LYS D 33 18.81 3.59 -0.70
C LYS D 33 20.20 4.22 -0.51
N LEU D 34 20.31 5.12 0.49
CA LEU D 34 21.52 5.90 0.70
C LEU D 34 22.51 5.14 1.56
N GLY D 35 22.04 4.06 2.21
CA GLY D 35 22.88 3.23 3.06
C GLY D 35 23.38 3.99 4.29
N VAL D 36 22.44 4.62 5.02
CA VAL D 36 22.75 5.47 6.16
C VAL D 36 21.62 5.32 7.17
N GLU D 37 21.90 5.57 8.44
CA GLU D 37 20.88 5.57 9.47
C GLU D 37 19.96 6.77 9.31
N GLN D 38 18.79 6.71 9.96
CA GLN D 38 17.74 7.70 9.75
C GLN D 38 18.13 9.06 10.33
N PRO D 39 18.79 9.16 11.50
CA PRO D 39 19.29 10.46 11.97
C PRO D 39 20.32 11.18 11.12
N THR D 40 21.05 10.43 10.27
CA THR D 40 22.03 11.01 9.36
C THR D 40 21.35 11.77 8.22
N LEU D 41 20.12 11.37 7.90
CA LEU D 41 19.29 11.99 6.87
C LEU D 41 18.43 13.11 7.44
N TYR D 42 17.98 12.95 8.71
CA TYR D 42 17.28 14.00 9.45
C TYR D 42 18.16 15.24 9.45
N TRP D 43 19.47 15.00 9.62
CA TRP D 43 20.42 16.11 9.56
C TRP D 43 20.15 17.03 8.39
N HIS D 44 19.82 16.51 7.20
CA HIS D 44 19.72 17.32 6.00
C HIS D 44 18.28 17.66 5.62
N VAL D 45 17.32 16.83 6.00
CA VAL D 45 15.95 17.02 5.56
C VAL D 45 15.03 16.34 6.56
N LYS D 46 14.13 17.09 7.19
CA LYS D 46 13.66 16.66 8.49
C LYS D 46 12.33 15.91 8.43
N ASN D 47 11.59 16.06 7.32
CA ASN D 47 10.32 15.38 7.10
C ASN D 47 9.98 15.38 5.60
N LYS D 48 8.92 14.67 5.22
CA LYS D 48 8.64 14.44 3.80
C LYS D 48 8.37 15.76 3.06
N ARG D 49 7.73 16.75 3.71
CA ARG D 49 7.42 17.99 3.02
C ARG D 49 8.71 18.79 2.76
N ALA D 50 9.66 18.72 3.71
CA ALA D 50 10.99 19.28 3.51
C ALA D 50 11.67 18.67 2.30
N LEU D 51 11.64 17.35 2.20
CA LEU D 51 12.27 16.66 1.08
C LEU D 51 11.67 17.12 -0.25
N LEU D 52 10.35 17.25 -0.31
CA LEU D 52 9.62 17.56 -1.56
C LEU D 52 9.95 18.98 -1.99
N ASP D 53 9.96 19.90 -1.04
CA ASP D 53 10.31 21.30 -1.24
C ASP D 53 11.68 21.42 -1.90
N ALA D 54 12.65 20.62 -1.42
CA ALA D 54 14.02 20.65 -1.90
C ALA D 54 14.08 20.02 -3.30
N MET D 55 13.33 18.93 -3.49
CA MET D 55 13.29 18.28 -4.79
C MET D 55 12.64 19.15 -5.84
N ALA D 56 11.74 20.03 -5.40
CA ALA D 56 10.96 20.86 -6.32
C ALA D 56 11.89 21.84 -7.00
N ILE D 57 12.71 22.54 -6.21
CA ILE D 57 13.52 23.64 -6.71
C ILE D 57 14.62 23.05 -7.57
N GLU D 58 15.07 21.84 -7.21
CA GLU D 58 16.07 21.18 -8.02
C GLU D 58 15.48 20.91 -9.39
N MET D 59 14.25 20.37 -9.37
CA MET D 59 13.57 19.89 -10.55
C MET D 59 13.27 21.04 -11.51
N LEU D 60 13.09 22.26 -10.96
CA LEU D 60 12.74 23.42 -11.75
C LEU D 60 14.01 24.03 -12.34
N ASP D 61 15.03 24.31 -11.51
CA ASP D 61 16.25 24.97 -11.99
C ASP D 61 17.03 24.16 -13.02
N ARG D 62 16.78 22.85 -13.11
CA ARG D 62 17.40 22.02 -14.15
C ARG D 62 16.87 22.40 -15.52
N HIS D 63 15.69 23.03 -15.56
CA HIS D 63 15.02 23.32 -16.81
C HIS D 63 14.69 24.81 -16.91
N ALA D 64 15.47 25.66 -16.20
CA ALA D 64 15.26 27.10 -16.22
C ALA D 64 16.13 27.76 -17.29
N THR D 65 15.66 28.88 -17.87
CA THR D 65 16.38 29.56 -18.95
C THR D 65 16.16 31.06 -18.87
N SER D 74 9.71 40.91 -24.24
CA SER D 74 8.42 41.41 -23.68
C SER D 74 7.98 40.53 -22.51
N TRP D 75 6.86 40.91 -21.90
CA TRP D 75 6.27 40.13 -20.84
C TRP D 75 5.53 38.91 -21.38
N GLN D 76 4.82 39.07 -22.51
CA GLN D 76 4.07 37.96 -23.09
C GLN D 76 4.98 36.74 -23.19
N ASN D 77 6.23 36.97 -23.61
CA ASN D 77 7.20 35.93 -23.91
C ASN D 77 7.90 35.43 -22.66
N PHE D 78 8.11 36.30 -21.67
CA PHE D 78 8.62 35.87 -20.38
C PHE D 78 7.65 34.81 -19.88
N LEU D 79 6.36 35.17 -19.79
CA LEU D 79 5.33 34.26 -19.32
C LEU D 79 5.34 33.00 -20.18
N ARG D 80 5.48 33.16 -21.50
CA ARG D 80 5.27 32.07 -22.44
C ARG D 80 6.33 31.00 -22.25
N ASN D 81 7.60 31.42 -22.06
CA ASN D 81 8.73 30.50 -21.96
C ASN D 81 8.82 29.94 -20.56
N ASN D 82 8.75 30.81 -19.56
CA ASN D 82 8.63 30.38 -18.18
C ASN D 82 7.67 29.19 -18.06
N ALA D 83 6.45 29.31 -18.62
CA ALA D 83 5.45 28.25 -18.54
C ALA D 83 5.82 26.99 -19.35
N LYS D 84 6.39 27.13 -20.55
CA LYS D 84 6.84 25.96 -21.30
C LYS D 84 7.96 25.27 -20.53
N SER D 85 8.82 26.09 -19.92
CA SER D 85 9.99 25.63 -19.20
C SER D 85 9.57 24.92 -17.90
N MET D 86 8.53 25.47 -17.25
CA MET D 86 7.87 24.81 -16.12
C MET D 86 7.30 23.47 -16.59
N ARG D 87 6.66 23.49 -17.76
CA ARG D 87 6.04 22.30 -18.30
C ARG D 87 7.06 21.17 -18.49
N ASN D 88 8.33 21.50 -18.80
CA ASN D 88 9.32 20.46 -19.06
C ASN D 88 9.92 19.91 -17.78
N ALA D 89 10.20 20.78 -16.79
CA ALA D 89 10.51 20.27 -15.47
C ALA D 89 9.48 19.20 -15.05
N LEU D 90 8.19 19.56 -15.13
CA LEU D 90 7.14 18.78 -14.49
C LEU D 90 6.89 17.47 -15.23
N LEU D 91 7.27 17.39 -16.52
CA LEU D 91 7.21 16.13 -17.25
C LEU D 91 8.52 15.35 -17.18
N SER D 92 9.56 15.94 -16.57
CA SER D 92 10.87 15.30 -16.53
C SER D 92 10.88 14.11 -15.58
N HIS D 93 9.96 14.05 -14.61
CA HIS D 93 9.97 13.03 -13.58
C HIS D 93 8.55 12.54 -13.31
N ARG D 94 8.43 11.25 -13.02
CA ARG D 94 7.18 10.69 -12.53
C ARG D 94 6.64 11.58 -11.41
N ASP D 95 5.35 11.93 -11.51
CA ASP D 95 4.60 12.65 -10.49
C ASP D 95 5.25 14.01 -10.24
N GLY D 96 6.01 14.50 -11.23
CA GLY D 96 6.65 15.80 -11.15
C GLY D 96 5.66 16.90 -10.74
N ALA D 97 4.48 16.91 -11.36
CA ALA D 97 3.53 17.94 -11.02
C ALA D 97 2.99 17.74 -9.62
N LYS D 98 2.95 16.50 -9.10
CA LYS D 98 2.41 16.31 -7.75
C LYS D 98 3.43 16.82 -6.71
N VAL D 99 4.70 16.48 -6.93
CA VAL D 99 5.79 16.95 -6.10
C VAL D 99 5.83 18.49 -6.02
N CYS D 100 5.52 19.17 -7.13
CA CYS D 100 5.83 20.59 -7.25
C CYS D 100 4.66 21.50 -6.87
N LEU D 101 3.46 20.93 -6.71
CA LEU D 101 2.25 21.68 -6.37
C LEU D 101 2.43 22.36 -5.02
N GLY D 102 2.14 23.67 -4.99
CA GLY D 102 2.11 24.40 -3.73
C GLY D 102 3.49 24.88 -3.22
N THR D 103 4.58 24.66 -3.99
CA THR D 103 5.91 25.12 -3.60
C THR D 103 6.19 26.52 -4.11
N GLY D 104 5.17 27.21 -4.66
CA GLY D 104 5.33 28.50 -5.32
C GLY D 104 6.00 29.58 -4.46
N PHE D 105 5.60 29.69 -3.18
CA PHE D 105 6.18 30.70 -2.28
C PHE D 105 6.78 30.00 -1.06
N THR D 106 7.63 28.98 -1.30
CA THR D 106 8.53 28.48 -0.29
C THR D 106 9.76 29.38 -0.21
N GLU D 107 10.56 29.22 0.84
CA GLU D 107 11.82 29.95 1.03
C GLU D 107 12.69 29.78 -0.21
N GLN D 108 12.79 28.51 -0.65
CA GLN D 108 13.62 28.10 -1.77
C GLN D 108 13.27 28.86 -3.07
N GLN D 109 12.02 29.35 -3.23
CA GLN D 109 11.70 30.11 -4.44
C GLN D 109 11.44 31.59 -4.16
N TYR D 110 11.64 32.05 -2.92
CA TYR D 110 11.55 33.46 -2.62
C TYR D 110 12.25 34.26 -3.71
N GLU D 111 13.40 33.79 -4.18
CA GLU D 111 14.18 34.62 -5.09
C GLU D 111 13.45 34.72 -6.42
N THR D 112 13.30 33.57 -7.10
CA THR D 112 12.65 33.50 -8.41
C THR D 112 11.32 34.27 -8.44
N ALA D 113 10.61 34.25 -7.31
CA ALA D 113 9.31 34.90 -7.17
C ALA D 113 9.45 36.42 -7.13
N GLU D 114 10.37 36.92 -6.32
CA GLU D 114 10.59 38.36 -6.21
C GLU D 114 11.00 38.92 -7.58
N ASN D 115 11.96 38.26 -8.25
CA ASN D 115 12.40 38.71 -9.56
C ASN D 115 11.17 38.88 -10.43
N SER D 116 10.41 37.78 -10.62
CA SER D 116 9.24 37.74 -11.50
C SER D 116 8.24 38.83 -11.15
N LEU D 117 7.96 39.00 -9.85
CA LEU D 117 7.02 40.02 -9.44
C LEU D 117 7.57 41.37 -9.91
N ALA D 118 8.88 41.58 -9.70
CA ALA D 118 9.52 42.84 -10.06
C ALA D 118 9.35 43.15 -11.55
N PHE D 119 9.73 42.19 -12.40
CA PHE D 119 9.64 42.36 -13.84
C PHE D 119 8.23 42.85 -14.19
N LEU D 120 7.20 42.11 -13.76
CA LEU D 120 5.82 42.34 -14.18
C LEU D 120 5.32 43.71 -13.70
N THR D 121 5.83 44.16 -12.55
CA THR D 121 5.44 45.46 -12.04
C THR D 121 6.13 46.55 -12.87
N GLN D 122 7.43 46.35 -13.19
CA GLN D 122 8.18 47.25 -14.07
C GLN D 122 7.61 47.28 -15.49
N GLN D 123 6.71 46.36 -15.82
CA GLN D 123 6.08 46.32 -17.12
C GLN D 123 4.65 46.86 -17.06
N GLY D 124 4.19 47.26 -15.87
CA GLY D 124 2.95 48.01 -15.77
C GLY D 124 1.97 47.41 -14.77
N PHE D 125 2.01 46.09 -14.55
CA PHE D 125 0.99 45.44 -13.74
C PHE D 125 1.08 45.93 -12.30
N SER D 126 -0.07 46.25 -11.69
CA SER D 126 -0.17 46.37 -10.24
C SER D 126 0.40 45.12 -9.61
N LEU D 127 0.77 45.17 -8.33
CA LEU D 127 1.28 43.98 -7.68
C LEU D 127 0.22 42.88 -7.73
N GLU D 128 -1.04 43.26 -7.45
CA GLU D 128 -2.17 42.34 -7.47
C GLU D 128 -2.23 41.55 -8.77
N ASN D 129 -2.14 42.25 -9.90
CA ASN D 129 -2.34 41.63 -11.20
C ASN D 129 -1.09 40.85 -11.62
N ALA D 130 0.07 41.17 -11.04
CA ALA D 130 1.28 40.43 -11.37
C ALA D 130 1.29 39.10 -10.61
N LEU D 131 0.88 39.17 -9.33
CA LEU D 131 0.63 37.99 -8.51
C LEU D 131 -0.39 37.08 -9.17
N TYR D 132 -1.59 37.64 -9.47
CA TYR D 132 -2.70 36.88 -10.02
C TYR D 132 -2.35 36.39 -11.42
N ALA D 133 -1.53 37.14 -12.16
CA ALA D 133 -1.10 36.68 -13.48
C ALA D 133 -0.17 35.47 -13.37
N MET D 134 0.79 35.52 -12.45
CA MET D 134 1.73 34.43 -12.26
C MET D 134 0.99 33.15 -11.86
N GLN D 135 0.15 33.31 -10.82
CA GLN D 135 -0.56 32.20 -10.24
C GLN D 135 -1.43 31.50 -11.30
N ALA D 136 -1.99 32.26 -12.24
CA ALA D 136 -2.92 31.74 -13.24
C ALA D 136 -2.18 30.98 -14.33
N VAL D 137 -1.03 31.51 -14.78
CA VAL D 137 -0.18 30.83 -15.73
C VAL D 137 0.44 29.61 -15.04
N GLY D 138 0.80 29.82 -13.76
CA GLY D 138 1.32 28.76 -12.91
C GLY D 138 0.39 27.56 -12.88
N ILE D 139 -0.79 27.73 -12.29
CA ILE D 139 -1.63 26.60 -11.92
C ILE D 139 -2.28 26.03 -13.18
N TYR D 140 -2.43 26.85 -14.23
CA TYR D 140 -2.90 26.32 -15.51
C TYR D 140 -1.88 25.30 -16.04
N THR D 141 -0.59 25.62 -15.96
CA THR D 141 0.44 24.81 -16.60
C THR D 141 0.62 23.49 -15.85
N LEU D 142 0.71 23.60 -14.52
CA LEU D 142 0.80 22.42 -13.68
C LEU D 142 -0.45 21.56 -13.88
N GLY D 143 -1.61 22.24 -13.86
CA GLY D 143 -2.90 21.65 -14.18
C GLY D 143 -2.82 20.67 -15.35
N CYS D 144 -2.29 21.13 -16.49
CA CYS D 144 -2.29 20.30 -17.69
C CYS D 144 -1.40 19.07 -17.55
N VAL D 145 -0.24 19.25 -16.90
CA VAL D 145 0.74 18.18 -16.76
C VAL D 145 0.13 17.14 -15.82
N LEU D 146 -0.36 17.65 -14.68
CA LEU D 146 -1.08 16.83 -13.72
C LEU D 146 -2.15 15.98 -14.40
N LEU D 147 -2.83 16.54 -15.41
CA LEU D 147 -3.86 15.85 -16.17
C LEU D 147 -3.24 14.88 -17.17
N ASP D 148 -2.11 15.26 -17.78
CA ASP D 148 -1.44 14.34 -18.68
C ASP D 148 -1.00 13.11 -17.90
N GLN D 149 -0.27 13.31 -16.78
CA GLN D 149 0.23 12.24 -15.93
C GLN D 149 -0.91 11.30 -15.52
N GLU D 150 -2.10 11.83 -15.16
CA GLU D 150 -3.22 11.03 -14.68
C GLU D 150 -3.87 10.22 -15.80
N LEU D 151 -3.98 10.78 -17.02
CA LEU D 151 -4.64 10.08 -18.10
C LEU D 151 -3.79 8.92 -18.61
N GLN D 152 -2.46 8.97 -18.42
CA GLN D 152 -1.65 7.86 -18.90
C GLN D 152 -1.83 6.68 -17.93
N VAL D 153 -1.75 6.95 -16.62
CA VAL D 153 -2.10 6.00 -15.58
C VAL D 153 -3.51 5.44 -15.80
N ALA D 154 -4.51 6.29 -16.02
CA ALA D 154 -5.89 5.82 -15.98
C ALA D 154 -6.29 5.08 -17.26
N LYS D 155 -5.55 5.23 -18.37
CA LYS D 155 -5.82 4.48 -19.60
C LYS D 155 -6.03 2.99 -19.28
N GLU D 156 -5.22 2.45 -18.36
CA GLU D 156 -5.09 1.02 -18.13
C GLU D 156 -5.92 0.53 -16.95
N GLU D 157 -6.69 1.45 -16.33
CA GLU D 157 -7.63 1.14 -15.25
C GLU D 157 -9.08 1.15 -15.75
N ARG D 158 -9.27 1.43 -17.03
CA ARG D 158 -10.58 1.78 -17.58
C ARG D 158 -10.73 1.04 -18.92
N GLU D 159 -11.86 0.35 -19.09
CA GLU D 159 -12.14 -0.36 -20.32
C GLU D 159 -12.04 0.58 -21.52
N THR D 160 -11.35 0.11 -22.56
CA THR D 160 -11.40 0.74 -23.88
C THR D 160 -12.81 1.28 -24.16
N PRO D 161 -12.93 2.54 -24.59
CA PRO D 161 -14.24 3.04 -25.03
C PRO D 161 -14.59 2.49 -26.42
N THR D 162 -15.80 1.94 -26.57
CA THR D 162 -16.31 1.63 -27.91
C THR D 162 -16.75 2.93 -28.57
N THR D 163 -16.34 3.18 -29.82
CA THR D 163 -16.75 4.37 -30.56
C THR D 163 -18.22 4.24 -30.98
N ASP D 164 -18.75 3.00 -30.93
CA ASP D 164 -20.14 2.70 -31.24
C ASP D 164 -21.08 3.48 -30.32
N SER D 165 -20.66 3.67 -29.07
CA SER D 165 -21.51 4.27 -28.04
C SER D 165 -21.39 5.80 -28.01
N MET D 166 -20.44 6.36 -28.76
CA MET D 166 -20.14 7.77 -28.59
C MET D 166 -21.12 8.66 -29.36
N PRO D 167 -21.66 9.70 -28.71
CA PRO D 167 -22.24 10.83 -29.45
C PRO D 167 -21.37 11.40 -30.56
N PRO D 168 -21.98 11.87 -31.68
CA PRO D 168 -21.26 12.47 -32.81
C PRO D 168 -20.10 13.42 -32.50
N LEU D 169 -20.36 14.43 -31.67
CA LEU D 169 -19.36 15.46 -31.38
C LEU D 169 -18.31 14.90 -30.40
N VAL D 170 -18.74 14.05 -29.46
CA VAL D 170 -17.82 13.39 -28.57
C VAL D 170 -16.84 12.60 -29.43
N ARG D 171 -17.40 11.88 -30.40
CA ARG D 171 -16.65 10.95 -31.23
C ARG D 171 -15.59 11.72 -32.01
N GLN D 172 -16.00 12.85 -32.58
CA GLN D 172 -15.10 13.70 -33.34
C GLN D 172 -13.93 14.18 -32.48
N ALA D 173 -14.23 14.60 -31.23
CA ALA D 173 -13.28 15.29 -30.36
C ALA D 173 -12.36 14.32 -29.64
N VAL D 174 -12.87 13.10 -29.39
CA VAL D 174 -12.05 12.05 -28.83
C VAL D 174 -11.14 11.50 -29.93
N GLU D 175 -11.61 11.55 -31.19
CA GLU D 175 -10.73 11.23 -32.31
C GLU D 175 -9.68 12.34 -32.46
N LEU D 176 -10.04 13.58 -32.17
CA LEU D 176 -9.12 14.71 -32.34
C LEU D 176 -8.08 14.72 -31.24
N LYS D 177 -8.49 14.44 -30.00
CA LYS D 177 -7.58 14.67 -28.89
C LYS D 177 -6.46 13.64 -29.01
N ASP D 178 -6.85 12.38 -29.20
CA ASP D 178 -5.93 11.25 -29.23
C ASP D 178 -5.04 11.33 -30.47
N HIS D 179 -5.50 12.05 -31.50
CA HIS D 179 -4.76 12.24 -32.74
C HIS D 179 -3.50 13.10 -32.54
N GLN D 180 -3.63 14.28 -31.89
CA GLN D 180 -2.57 15.27 -31.87
C GLN D 180 -1.98 15.48 -30.47
N GLY D 181 -2.46 14.72 -29.48
CA GLY D 181 -1.84 14.67 -28.16
C GLY D 181 -2.23 15.84 -27.25
N ALA D 182 -1.37 16.08 -26.25
CA ALA D 182 -1.67 16.96 -25.14
C ALA D 182 -1.18 18.38 -25.36
N GLU D 183 -0.23 18.55 -26.30
CA GLU D 183 0.57 19.76 -26.40
C GLU D 183 -0.21 20.88 -27.09
N PRO D 184 -0.94 20.64 -28.22
CA PRO D 184 -1.69 21.70 -28.91
C PRO D 184 -2.73 22.39 -28.05
N ALA D 185 -3.36 21.60 -27.14
CA ALA D 185 -4.33 22.09 -26.17
C ALA D 185 -3.68 22.90 -25.05
N PHE D 186 -2.49 22.53 -24.61
CA PHE D 186 -1.83 23.34 -23.60
C PHE D 186 -1.50 24.69 -24.21
N LEU D 187 -1.06 24.69 -25.46
CA LEU D 187 -0.60 25.91 -26.10
C LEU D 187 -1.78 26.88 -26.25
N PHE D 188 -2.97 26.30 -26.47
CA PHE D 188 -4.16 27.06 -26.79
C PHE D 188 -4.52 27.91 -25.57
N GLY D 189 -4.69 27.25 -24.43
CA GLY D 189 -5.12 27.89 -23.20
C GLY D 189 -4.11 28.93 -22.70
N LEU D 190 -2.83 28.63 -22.92
CA LEU D 190 -1.75 29.54 -22.55
C LEU D 190 -1.89 30.82 -23.36
N GLU D 191 -2.08 30.69 -24.69
CA GLU D 191 -2.36 31.78 -25.60
C GLU D 191 -3.61 32.55 -25.20
N LEU D 192 -4.70 31.85 -24.84
CA LEU D 192 -5.87 32.50 -24.28
C LEU D 192 -5.46 33.37 -23.08
N ILE D 193 -4.78 32.78 -22.10
CA ILE D 193 -4.52 33.46 -20.83
C ILE D 193 -3.80 34.77 -21.10
N ILE D 194 -2.86 34.75 -22.04
CA ILE D 194 -2.02 35.90 -22.33
C ILE D 194 -2.83 36.95 -23.12
N ALA D 195 -3.64 36.52 -24.10
CA ALA D 195 -4.55 37.40 -24.81
C ALA D 195 -5.41 38.20 -23.83
N GLY D 196 -5.95 37.53 -22.83
CA GLY D 196 -6.80 38.19 -21.87
C GLY D 196 -5.99 39.10 -20.95
N LEU D 197 -4.72 38.79 -20.73
CA LEU D 197 -3.93 39.62 -19.85
C LEU D 197 -3.57 40.90 -20.58
N GLU D 198 -3.44 40.83 -21.92
CA GLU D 198 -3.12 42.01 -22.70
C GLU D 198 -4.40 42.83 -22.88
N LYS D 199 -5.56 42.16 -22.97
CA LYS D 199 -6.83 42.88 -23.01
C LYS D 199 -7.00 43.77 -21.80
N GLN D 200 -6.45 43.40 -20.63
CA GLN D 200 -6.34 44.29 -19.49
C GLN D 200 -5.22 45.31 -19.75
N LEU D 201 -5.54 46.29 -20.62
CA LEU D 201 -4.62 47.34 -21.05
C LEU D 201 -5.31 48.70 -20.79
#